data_3H8B
#
_entry.id   3H8B
#
_cell.length_a   61.990
_cell.length_b   99.234
_cell.length_c   206.462
_cell.angle_alpha   90.00
_cell.angle_beta   90.05
_cell.angle_gamma   90.00
#
_symmetry.space_group_name_H-M   'C 1 2 1'
#
loop_
_entity.id
_entity.type
_entity.pdbx_description
1 polymer 'Cathepsin L1'
2 non-polymer N~2~,N~6~-bis(biphenyl-4-ylacetyl)-L-lysyl-D-arginyl-N-(2-phenylethyl)-L-phenylalaninamide
3 water water
#
_entity_poly.entity_id   1
_entity_poly.type   'polypeptide(L)'
_entity_poly.pdbx_seq_one_letter_code
;APRSVDWREKGYVTPVKNQGQCGSCWAFSATGALEGQMFRKTGRLISLSEQNLVDCSGPQGNEGCNGGLMDYAFQYVQDN
GGLDSEESYPYEATEESCKYNPKYSVANDTGFVDIPKQEKALMKAVATVGPISVAIDAGHESFLFYKEGIYFEPDCSSED
MDHGVLVVGYGFESTESDNNKYWLVKNSWGEEWGMGGYVKMAKDRRNHCGIASAASYPTV
;
_entity_poly.pdbx_strand_id   A,B,C,D,E,F
#
# COMPACT_ATOMS: atom_id res chain seq x y z
N ALA A 1 3.87 -15.00 -29.28
CA ALA A 1 3.66 -13.52 -29.34
C ALA A 1 2.55 -13.19 -30.35
N PRO A 2 1.82 -12.09 -30.11
CA PRO A 2 0.72 -11.68 -31.01
C PRO A 2 1.17 -11.59 -32.48
N ARG A 3 0.21 -11.71 -33.38
CA ARG A 3 0.46 -11.63 -34.82
C ARG A 3 0.75 -10.19 -35.21
N SER A 4 0.11 -9.28 -34.48
CA SER A 4 0.26 -7.85 -34.70
C SER A 4 0.31 -7.10 -33.39
N VAL A 5 1.13 -6.04 -33.36
CA VAL A 5 1.26 -5.21 -32.18
C VAL A 5 1.39 -3.75 -32.62
N ASP A 6 0.68 -2.84 -31.97
CA ASP A 6 0.78 -1.43 -32.31
C ASP A 6 0.56 -0.59 -31.04
N TRP A 7 1.65 -0.15 -30.41
CA TRP A 7 1.51 0.58 -29.17
C TRP A 7 0.86 1.95 -29.30
N ARG A 8 0.79 2.47 -30.52
CA ARG A 8 0.16 3.75 -30.70
C ARG A 8 -1.32 3.65 -30.27
N GLU A 9 -1.90 2.46 -30.46
CA GLU A 9 -3.30 2.17 -30.11
C GLU A 9 -3.56 2.30 -28.59
N LYS A 10 -2.52 2.10 -27.78
CA LYS A 10 -2.67 2.12 -26.33
C LYS A 10 -2.19 3.41 -25.65
N GLY A 11 -1.82 4.42 -26.43
CA GLY A 11 -1.42 5.68 -25.84
C GLY A 11 0.02 5.80 -25.40
N TYR A 12 0.87 4.89 -25.86
CA TYR A 12 2.29 4.88 -25.49
C TYR A 12 3.16 5.78 -26.34
N VAL A 13 2.59 6.40 -27.39
CA VAL A 13 3.45 7.13 -28.35
C VAL A 13 3.04 8.59 -28.59
N THR A 14 4.00 9.50 -28.46
CA THR A 14 3.74 10.92 -28.73
C THR A 14 3.72 11.16 -30.27
N PRO A 15 3.21 12.31 -30.69
CA PRO A 15 3.17 12.64 -32.12
C PRO A 15 4.60 12.63 -32.70
N VAL A 16 4.72 12.56 -34.02
CA VAL A 16 6.03 12.54 -34.66
C VAL A 16 6.74 13.88 -34.50
N LYS A 17 8.02 13.83 -34.10
CA LYS A 17 8.82 15.04 -33.92
C LYS A 17 9.80 15.19 -35.11
N ASN A 18 10.53 16.30 -35.13
CA ASN A 18 11.45 16.56 -36.22
C ASN A 18 12.83 17.01 -35.69
N GLN A 19 13.85 16.17 -35.88
CA GLN A 19 15.18 16.53 -35.40
C GLN A 19 15.83 17.68 -36.22
N GLY A 20 15.27 17.98 -37.40
CA GLY A 20 15.85 19.03 -38.21
C GLY A 20 17.26 18.72 -38.64
N GLN A 21 18.04 19.75 -38.93
CA GLN A 21 19.42 19.61 -39.41
C GLN A 21 20.43 19.48 -38.28
N CYS A 22 20.31 18.40 -37.53
CA CYS A 22 21.16 18.12 -36.40
C CYS A 22 21.18 16.58 -36.20
N GLY A 23 22.36 16.04 -35.92
CA GLY A 23 22.52 14.60 -35.73
C GLY A 23 22.16 14.15 -34.34
N SER A 24 20.91 14.41 -33.97
CA SER A 24 20.38 14.11 -32.64
C SER A 24 19.33 12.98 -32.66
N CYS A 25 19.28 12.22 -33.74
CA CYS A 25 18.33 11.10 -33.84
C CYS A 25 18.36 10.19 -32.60
N TRP A 26 19.55 9.98 -32.05
CA TRP A 26 19.67 9.14 -30.86
C TRP A 26 18.86 9.68 -29.66
N ALA A 27 18.77 11.01 -29.58
CA ALA A 27 18.01 11.62 -28.50
C ALA A 27 16.50 11.42 -28.73
N PHE A 28 16.06 11.53 -29.97
CA PHE A 28 14.64 11.32 -30.27
C PHE A 28 14.23 9.86 -30.09
N SER A 29 15.12 8.95 -30.46
CA SER A 29 14.82 7.54 -30.27
C SER A 29 14.75 7.25 -28.75
N ALA A 30 15.68 7.82 -28.00
CA ALA A 30 15.72 7.63 -26.54
C ALA A 30 14.49 8.23 -25.85
N THR A 31 14.10 9.45 -26.20
CA THR A 31 12.91 10.01 -25.55
C THR A 31 11.68 9.18 -25.93
N GLY A 32 11.66 8.66 -27.15
CA GLY A 32 10.54 7.82 -27.58
C GLY A 32 10.41 6.58 -26.70
N ALA A 33 11.53 5.89 -26.47
CA ALA A 33 11.49 4.71 -25.61
C ALA A 33 11.13 5.09 -24.16
N LEU A 34 11.70 6.18 -23.65
CA LEU A 34 11.39 6.60 -22.28
C LEU A 34 9.91 7.03 -22.17
N GLU A 35 9.39 7.73 -23.17
CA GLU A 35 7.98 8.17 -23.11
C GLU A 35 7.06 6.96 -22.95
N GLY A 36 7.41 5.90 -23.67
CA GLY A 36 6.65 4.66 -23.61
C GLY A 36 6.74 4.00 -22.24
N GLN A 37 7.95 3.84 -21.71
CA GLN A 37 8.10 3.19 -20.40
C GLN A 37 7.53 4.02 -19.25
N MET A 38 7.68 5.34 -19.34
CA MET A 38 7.11 6.21 -18.33
C MET A 38 5.57 6.05 -18.35
N PHE A 39 5.02 5.97 -19.56
CA PHE A 39 3.58 5.80 -19.71
C PHE A 39 3.15 4.45 -19.11
N ARG A 40 3.87 3.38 -19.41
CA ARG A 40 3.51 2.07 -18.88
C ARG A 40 3.47 2.07 -17.37
N LYS A 41 4.35 2.86 -16.75
CA LYS A 41 4.43 2.94 -15.30
C LYS A 41 3.40 3.88 -14.65
N THR A 42 3.24 5.08 -15.19
CA THR A 42 2.36 6.08 -14.57
C THR A 42 0.97 6.27 -15.24
N GLY A 43 0.84 5.82 -16.48
CA GLY A 43 -0.41 6.00 -17.19
C GLY A 43 -0.51 7.39 -17.77
N ARG A 44 0.57 8.15 -17.71
CA ARG A 44 0.58 9.50 -18.25
C ARG A 44 1.62 9.63 -19.36
N LEU A 45 1.21 10.13 -20.52
CA LEU A 45 2.13 10.31 -21.65
C LEU A 45 2.64 11.74 -21.64
N ILE A 46 3.93 11.91 -21.42
CA ILE A 46 4.50 13.25 -21.37
C ILE A 46 5.69 13.37 -22.32
N SER A 47 5.63 14.34 -23.23
CA SER A 47 6.72 14.56 -24.17
C SER A 47 8.00 14.98 -23.43
N LEU A 48 9.10 14.32 -23.76
CA LEU A 48 10.38 14.57 -23.08
C LEU A 48 11.38 15.44 -23.89
N SER A 49 12.34 16.02 -23.19
CA SER A 49 13.29 16.94 -23.82
C SER A 49 14.50 16.36 -24.57
N GLU A 50 14.48 16.41 -25.90
CA GLU A 50 15.65 15.94 -26.65
C GLU A 50 16.79 16.96 -26.46
N GLN A 51 16.42 18.23 -26.26
CA GLN A 51 17.45 19.25 -26.09
C GLN A 51 18.27 18.99 -24.83
N ASN A 52 17.59 18.63 -23.76
CA ASN A 52 18.24 18.30 -22.50
C ASN A 52 19.31 17.23 -22.77
N LEU A 53 18.96 16.20 -23.55
CA LEU A 53 19.95 15.13 -23.87
C LEU A 53 21.10 15.64 -24.74
N VAL A 54 20.77 16.41 -25.76
CA VAL A 54 21.77 16.98 -26.66
C VAL A 54 22.79 17.86 -25.88
N ASP A 55 22.28 18.71 -24.98
CA ASP A 55 23.14 19.65 -24.26
C ASP A 55 23.88 19.06 -23.08
N CYS A 56 23.35 18.00 -22.49
CA CYS A 56 23.94 17.56 -21.22
C CYS A 56 24.56 16.17 -21.12
N SER A 57 24.40 15.32 -22.13
CA SER A 57 24.89 13.94 -22.00
C SER A 57 26.27 13.68 -22.63
N GLY A 58 27.08 14.73 -22.75
CA GLY A 58 28.42 14.52 -23.29
C GLY A 58 29.29 13.63 -22.40
N PRO A 59 29.18 13.74 -21.07
CA PRO A 59 29.97 12.91 -20.15
C PRO A 59 29.73 11.42 -20.38
N GLN A 60 28.50 11.09 -20.77
CA GLN A 60 28.14 9.69 -21.03
C GLN A 60 28.62 9.18 -22.39
N GLY A 61 29.12 10.08 -23.24
CA GLY A 61 29.63 9.66 -24.53
C GLY A 61 28.96 10.29 -25.74
N ASN A 62 27.88 11.02 -25.53
CA ASN A 62 27.20 11.64 -26.65
C ASN A 62 27.89 12.89 -27.18
N GLU A 63 27.65 13.21 -28.45
CA GLU A 63 28.27 14.35 -29.08
C GLU A 63 27.26 15.37 -29.65
N GLY A 64 26.16 15.58 -28.93
CA GLY A 64 25.17 16.54 -29.36
C GLY A 64 24.68 16.38 -30.79
N CYS A 65 24.83 17.43 -31.60
CA CYS A 65 24.36 17.34 -32.98
C CYS A 65 25.30 16.55 -33.89
N ASN A 66 26.42 16.08 -33.36
CA ASN A 66 27.33 15.29 -34.17
C ASN A 66 27.22 13.80 -33.86
N GLY A 67 26.14 13.41 -33.20
CA GLY A 67 25.94 12.00 -32.95
C GLY A 67 25.87 11.52 -31.51
N GLY A 68 25.45 10.28 -31.37
CA GLY A 68 25.30 9.67 -30.05
C GLY A 68 24.65 8.30 -30.12
N LEU A 69 24.25 7.81 -28.95
CA LEU A 69 23.64 6.50 -28.80
C LEU A 69 22.50 6.58 -27.82
N MET A 70 21.46 5.78 -28.07
CA MET A 70 20.33 5.76 -27.16
C MET A 70 20.75 5.24 -25.79
N ASP A 71 21.64 4.24 -25.76
CA ASP A 71 22.07 3.74 -24.45
C ASP A 71 22.77 4.82 -23.65
N TYR A 72 23.50 5.69 -24.33
CA TYR A 72 24.21 6.76 -23.63
C TYR A 72 23.19 7.75 -23.03
N ALA A 73 22.12 7.98 -23.76
CA ALA A 73 21.05 8.86 -23.28
C ALA A 73 20.41 8.24 -22.02
N PHE A 74 20.08 6.95 -22.06
CA PHE A 74 19.48 6.32 -20.90
C PHE A 74 20.41 6.39 -19.67
N GLN A 75 21.70 6.19 -19.89
CA GLN A 75 22.65 6.23 -18.77
C GLN A 75 22.68 7.63 -18.17
N TYR A 76 22.59 8.63 -19.05
CA TYR A 76 22.57 10.01 -18.59
C TYR A 76 21.37 10.26 -17.67
N VAL A 77 20.19 9.78 -18.07
CA VAL A 77 19.01 10.02 -17.24
C VAL A 77 19.18 9.41 -15.84
N GLN A 78 19.78 8.23 -15.77
CA GLN A 78 20.03 7.58 -14.49
C GLN A 78 21.09 8.37 -13.71
N ASP A 79 22.23 8.64 -14.35
CA ASP A 79 23.32 9.38 -13.72
C ASP A 79 22.87 10.72 -13.14
N ASN A 80 22.16 11.44 -13.98
CA ASN A 80 21.66 12.78 -13.70
C ASN A 80 20.52 12.83 -12.68
N GLY A 81 19.81 11.74 -12.48
CA GLY A 81 18.71 11.76 -11.53
C GLY A 81 17.44 12.38 -12.11
N GLY A 82 17.32 12.46 -13.43
CA GLY A 82 16.12 13.03 -14.02
C GLY A 82 16.29 13.53 -15.44
N LEU A 83 15.18 13.92 -16.09
CA LEU A 83 15.22 14.45 -17.45
C LEU A 83 14.04 15.43 -17.57
N ASP A 84 14.26 16.60 -18.13
CA ASP A 84 13.21 17.60 -18.22
C ASP A 84 12.18 17.32 -19.31
N SER A 85 11.00 17.92 -19.13
CA SER A 85 9.95 17.76 -20.13
C SER A 85 10.28 18.57 -21.38
N GLU A 86 9.66 18.18 -22.49
CA GLU A 86 9.82 18.88 -23.76
C GLU A 86 9.36 20.37 -23.60
N GLU A 87 8.26 20.54 -22.89
CA GLU A 87 7.70 21.87 -22.68
C GLU A 87 8.67 22.82 -21.93
N SER A 88 9.31 22.29 -20.90
CA SER A 88 10.23 23.05 -20.04
C SER A 88 11.62 23.32 -20.68
N TYR A 89 12.02 22.47 -21.61
CA TYR A 89 13.34 22.54 -22.22
C TYR A 89 13.21 22.24 -23.71
N PRO A 90 12.64 23.19 -24.47
CA PRO A 90 12.37 23.16 -25.92
C PRO A 90 13.53 22.76 -26.83
N TYR A 91 13.20 22.11 -27.92
CA TYR A 91 14.20 21.67 -28.91
C TYR A 91 14.65 22.84 -29.81
N GLU A 92 15.96 22.97 -29.99
CA GLU A 92 16.55 24.06 -30.77
C GLU A 92 17.38 23.59 -31.99
N ALA A 93 17.52 22.28 -32.16
CA ALA A 93 18.26 21.71 -33.28
C ALA A 93 19.71 22.20 -33.38
N THR A 94 20.29 22.52 -32.24
CA THR A 94 21.68 22.94 -32.19
C THR A 94 22.17 22.76 -30.78
N GLU A 95 23.42 22.38 -30.58
CA GLU A 95 23.91 22.20 -29.22
C GLU A 95 24.16 23.52 -28.48
N GLU A 96 23.74 23.54 -27.22
CA GLU A 96 23.94 24.71 -26.35
C GLU A 96 24.42 24.27 -24.96
N SER A 97 24.63 25.23 -24.06
CA SER A 97 25.05 24.89 -22.71
C SER A 97 23.95 24.10 -21.97
N CYS A 98 24.37 23.21 -21.09
CA CYS A 98 23.41 22.42 -20.33
C CYS A 98 22.57 23.31 -19.41
N LYS A 99 21.26 23.19 -19.55
CA LYS A 99 20.33 23.98 -18.75
C LYS A 99 19.36 23.10 -17.96
N TYR A 100 19.79 21.88 -17.64
CA TYR A 100 18.92 20.99 -16.90
C TYR A 100 18.51 21.62 -15.58
N ASN A 101 17.25 21.48 -15.26
CA ASN A 101 16.69 22.00 -14.02
C ASN A 101 15.85 20.87 -13.40
N PRO A 102 16.25 20.34 -12.24
CA PRO A 102 15.46 19.25 -11.64
C PRO A 102 14.01 19.60 -11.33
N LYS A 103 13.71 20.88 -11.19
CA LYS A 103 12.36 21.30 -10.89
C LYS A 103 11.37 20.83 -11.96
N TYR A 104 11.86 20.72 -13.19
CA TYR A 104 11.03 20.32 -14.32
C TYR A 104 11.27 18.87 -14.81
N SER A 105 11.89 18.04 -13.97
CA SER A 105 12.13 16.65 -14.34
C SER A 105 10.82 15.84 -14.32
N VAL A 106 10.55 15.10 -15.40
CA VAL A 106 9.32 14.33 -15.49
C VAL A 106 9.55 12.85 -15.84
N ALA A 107 10.81 12.46 -16.00
CA ALA A 107 11.15 11.07 -16.31
C ALA A 107 12.44 10.66 -15.61
N ASN A 108 12.67 9.37 -15.54
CA ASN A 108 13.89 8.86 -14.93
C ASN A 108 14.15 7.45 -15.43
N ASP A 109 15.25 6.87 -14.99
CA ASP A 109 15.50 5.50 -15.33
C ASP A 109 16.54 4.91 -14.44
N THR A 110 16.40 3.60 -14.24
CA THR A 110 17.29 2.88 -13.35
C THR A 110 18.14 1.88 -14.11
N GLY A 111 18.39 2.19 -15.36
CA GLY A 111 19.21 1.30 -16.18
C GLY A 111 18.53 1.08 -17.52
N PHE A 112 19.07 0.15 -18.28
CA PHE A 112 18.52 -0.16 -19.57
C PHE A 112 18.86 -1.58 -19.97
N VAL A 113 18.14 -2.09 -20.96
CA VAL A 113 18.34 -3.43 -21.42
C VAL A 113 18.70 -3.51 -22.88
N ASP A 114 19.84 -4.14 -23.16
CA ASP A 114 20.24 -4.38 -24.55
C ASP A 114 19.67 -5.75 -24.96
N ILE A 115 18.78 -5.75 -25.95
CA ILE A 115 18.12 -6.97 -26.46
C ILE A 115 19.03 -7.87 -27.31
N PRO A 116 18.93 -9.21 -27.17
CA PRO A 116 19.77 -10.08 -28.00
C PRO A 116 19.60 -9.67 -29.47
N LYS A 117 20.66 -9.81 -30.27
CA LYS A 117 20.63 -9.40 -31.68
C LYS A 117 19.91 -10.35 -32.66
N GLN A 118 18.63 -10.63 -32.38
CA GLN A 118 17.81 -11.50 -33.22
C GLN A 118 16.41 -10.90 -33.36
N GLU A 119 15.84 -10.93 -34.57
CA GLU A 119 14.51 -10.37 -34.76
C GLU A 119 13.50 -11.03 -33.83
N LYS A 120 13.73 -12.31 -33.54
CA LYS A 120 12.84 -13.02 -32.65
C LYS A 120 12.82 -12.34 -31.26
N ALA A 121 14.01 -12.00 -30.75
CA ALA A 121 14.12 -11.34 -29.45
C ALA A 121 13.52 -9.93 -29.50
N LEU A 122 13.72 -9.23 -30.62
CA LEU A 122 13.14 -7.89 -30.75
C LEU A 122 11.61 -7.99 -30.72
N MET A 123 11.07 -9.00 -31.41
CA MET A 123 9.63 -9.23 -31.43
C MET A 123 9.05 -9.45 -30.03
N LYS A 124 9.75 -10.22 -29.21
CA LYS A 124 9.29 -10.47 -27.84
C LYS A 124 9.35 -9.19 -26.98
N ALA A 125 10.43 -8.43 -27.17
CA ALA A 125 10.56 -7.19 -26.40
C ALA A 125 9.45 -6.22 -26.80
N VAL A 126 9.20 -6.13 -28.10
CA VAL A 126 8.14 -5.23 -28.60
C VAL A 126 6.76 -5.68 -28.07
N ALA A 127 6.53 -6.98 -28.09
CA ALA A 127 5.25 -7.52 -27.64
C ALA A 127 5.03 -7.39 -26.12
N THR A 128 6.09 -7.42 -25.33
CA THR A 128 5.93 -7.39 -23.87
C THR A 128 6.34 -6.10 -23.15
N VAL A 129 7.22 -5.30 -23.74
CA VAL A 129 7.72 -4.10 -23.07
C VAL A 129 7.08 -2.79 -23.50
N GLY A 130 6.98 -2.58 -24.82
CA GLY A 130 6.43 -1.35 -25.37
C GLY A 130 7.37 -0.92 -26.48
N PRO A 131 7.35 0.36 -26.93
CA PRO A 131 8.22 0.85 -28.01
C PRO A 131 9.71 0.61 -27.66
N ILE A 132 10.48 0.15 -28.64
CA ILE A 132 11.88 -0.20 -28.45
C ILE A 132 12.81 0.70 -29.29
N SER A 133 13.88 1.22 -28.70
CA SER A 133 14.84 2.01 -29.48
C SER A 133 15.69 1.05 -30.34
N VAL A 134 15.88 1.39 -31.62
CA VAL A 134 16.69 0.57 -32.50
C VAL A 134 17.48 1.46 -33.48
N ALA A 135 18.53 0.90 -34.08
CA ALA A 135 19.32 1.60 -35.10
C ALA A 135 19.17 0.83 -36.44
N ILE A 136 18.99 1.56 -37.54
CA ILE A 136 18.84 0.94 -38.84
C ILE A 136 19.79 1.57 -39.86
N ASP A 137 19.99 0.88 -40.97
CA ASP A 137 20.83 1.41 -42.03
C ASP A 137 19.98 2.29 -42.94
N ALA A 138 20.04 3.58 -42.68
CA ALA A 138 19.30 4.54 -43.49
C ALA A 138 20.27 5.24 -44.44
N GLY A 139 21.37 4.56 -44.73
CA GLY A 139 22.39 5.12 -45.59
C GLY A 139 22.15 5.03 -47.08
N HIS A 140 20.94 5.33 -47.53
CA HIS A 140 20.59 5.21 -48.95
C HIS A 140 19.52 6.22 -49.42
N GLU A 141 19.63 6.63 -50.68
CA GLU A 141 18.68 7.58 -51.25
C GLU A 141 17.24 7.11 -51.03
N SER A 142 17.03 5.80 -51.22
CA SER A 142 15.69 5.24 -51.10
C SER A 142 15.02 5.51 -49.75
N PHE A 143 15.81 5.59 -48.69
CA PHE A 143 15.23 5.85 -47.37
C PHE A 143 14.87 7.33 -47.27
N LEU A 144 15.71 8.18 -47.84
CA LEU A 144 15.41 9.60 -47.78
C LEU A 144 14.15 9.90 -48.58
N PHE A 145 13.96 9.20 -49.69
CA PHE A 145 12.79 9.47 -50.55
C PHE A 145 11.57 8.60 -50.26
N TYR A 146 11.61 7.82 -49.19
CA TYR A 146 10.51 6.92 -48.86
C TYR A 146 9.19 7.66 -48.56
N LYS A 147 8.09 7.13 -49.11
CA LYS A 147 6.76 7.71 -48.88
C LYS A 147 5.77 6.67 -48.29
N GLU A 148 5.77 5.47 -48.86
CA GLU A 148 4.83 4.46 -48.37
C GLU A 148 5.20 3.04 -48.77
N GLY A 149 4.56 2.09 -48.11
CA GLY A 149 4.79 0.69 -48.38
C GLY A 149 5.83 0.06 -47.45
N ILE A 150 6.15 -1.20 -47.70
CA ILE A 150 7.13 -1.90 -46.89
C ILE A 150 8.50 -1.60 -47.43
N TYR A 151 9.30 -0.88 -46.66
CA TYR A 151 10.62 -0.54 -47.11
C TYR A 151 11.52 -1.74 -47.14
N PHE A 152 12.12 -1.97 -48.30
CA PHE A 152 13.08 -3.04 -48.47
C PHE A 152 14.16 -2.59 -49.45
N GLU A 153 15.34 -2.29 -48.92
CA GLU A 153 16.46 -1.85 -49.72
C GLU A 153 17.43 -3.02 -49.91
N PRO A 154 17.55 -3.51 -51.15
CA PRO A 154 18.43 -4.62 -51.51
C PRO A 154 19.87 -4.41 -51.04
N ASP A 155 20.32 -3.15 -51.07
CA ASP A 155 21.67 -2.81 -50.69
C ASP A 155 21.82 -2.52 -49.19
N CYS A 156 20.82 -2.86 -48.38
CA CYS A 156 20.89 -2.60 -46.95
C CYS A 156 21.91 -3.50 -46.24
N SER A 157 22.51 -2.93 -45.20
CA SER A 157 23.51 -3.63 -44.41
C SER A 157 23.03 -3.80 -42.98
N SER A 158 23.30 -4.97 -42.41
CA SER A 158 22.91 -5.23 -41.03
C SER A 158 24.05 -4.94 -40.06
N GLU A 159 25.10 -4.26 -40.55
CA GLU A 159 26.26 -3.97 -39.73
C GLU A 159 26.65 -2.49 -39.60
N ASP A 160 26.15 -1.62 -40.48
CA ASP A 160 26.56 -0.23 -40.39
C ASP A 160 25.44 0.75 -40.10
N MET A 161 24.47 0.30 -39.31
CA MET A 161 23.32 1.14 -38.96
C MET A 161 23.76 2.55 -38.61
N ASP A 162 23.11 3.55 -39.20
CA ASP A 162 23.52 4.93 -38.96
C ASP A 162 22.36 5.85 -38.50
N HIS A 163 21.21 5.28 -38.18
CA HIS A 163 20.07 6.09 -37.78
C HIS A 163 19.19 5.45 -36.69
N GLY A 164 19.09 6.16 -35.55
CA GLY A 164 18.30 5.70 -34.41
C GLY A 164 16.84 6.05 -34.62
N VAL A 165 15.96 5.09 -34.40
CA VAL A 165 14.51 5.28 -34.59
C VAL A 165 13.75 4.48 -33.52
N LEU A 166 12.41 4.39 -33.62
CA LEU A 166 11.65 3.70 -32.58
C LEU A 166 10.70 2.66 -33.13
N VAL A 167 10.83 1.41 -32.68
CA VAL A 167 9.89 0.38 -33.12
C VAL A 167 8.66 0.45 -32.18
N VAL A 168 7.49 0.80 -32.73
CA VAL A 168 6.29 0.89 -31.91
C VAL A 168 5.35 -0.30 -32.11
N GLY A 169 5.78 -1.27 -32.94
CA GLY A 169 4.96 -2.43 -33.18
C GLY A 169 5.38 -3.23 -34.40
N TYR A 170 4.49 -4.08 -34.87
CA TYR A 170 4.78 -4.87 -36.06
C TYR A 170 3.48 -5.47 -36.60
N GLY A 171 3.49 -5.91 -37.84
CA GLY A 171 2.28 -6.51 -38.37
C GLY A 171 2.50 -7.16 -39.71
N PHE A 172 1.42 -7.30 -40.46
CA PHE A 172 1.46 -7.92 -41.77
C PHE A 172 0.42 -7.29 -42.69
N GLU A 173 0.73 -7.30 -43.99
CA GLU A 173 -0.18 -6.73 -45.00
C GLU A 173 -0.82 -7.85 -45.80
N SER A 174 -2.00 -7.59 -46.36
CA SER A 174 -2.71 -8.57 -47.16
C SER A 174 -2.06 -8.82 -48.54
N ASN A 180 5.62 -9.85 -46.61
CA ASN A 180 4.43 -9.09 -46.26
C ASN A 180 4.42 -8.66 -44.79
N LYS A 181 5.47 -8.99 -44.04
CA LYS A 181 5.55 -8.61 -42.65
C LYS A 181 6.42 -7.36 -42.48
N TYR A 182 6.15 -6.59 -41.43
CA TYR A 182 6.90 -5.36 -41.22
C TYR A 182 6.96 -4.92 -39.77
N TRP A 183 7.98 -4.11 -39.49
CA TRP A 183 8.13 -3.50 -38.18
C TRP A 183 7.54 -2.10 -38.34
N LEU A 184 6.73 -1.64 -37.38
CA LEU A 184 6.16 -0.30 -37.44
C LEU A 184 7.18 0.66 -36.79
N VAL A 185 7.79 1.52 -37.59
CA VAL A 185 8.84 2.38 -37.07
C VAL A 185 8.54 3.87 -37.14
N LYS A 186 8.68 4.53 -35.99
CA LYS A 186 8.48 5.97 -35.86
C LYS A 186 9.85 6.63 -36.15
N ASN A 187 9.90 7.52 -37.14
CA ASN A 187 11.12 8.23 -37.44
C ASN A 187 11.04 9.62 -36.78
N SER A 188 12.12 10.41 -36.86
CA SER A 188 12.14 11.75 -36.25
C SER A 188 12.48 12.83 -37.30
N TRP A 189 11.87 12.68 -38.47
CA TRP A 189 12.08 13.60 -39.58
C TRP A 189 10.80 14.40 -39.93
N GLY A 190 9.92 14.56 -38.96
CA GLY A 190 8.69 15.31 -39.22
C GLY A 190 7.65 14.40 -39.85
N GLU A 191 6.40 14.89 -39.91
CA GLU A 191 5.31 14.09 -40.43
C GLU A 191 5.14 14.17 -41.94
N GLU A 192 6.00 14.92 -42.60
CA GLU A 192 5.92 15.04 -44.06
C GLU A 192 6.81 14.00 -44.78
N TRP A 193 7.56 13.21 -44.02
CA TRP A 193 8.37 12.14 -44.59
C TRP A 193 7.61 10.82 -44.40
N GLY A 194 7.69 9.90 -45.37
CA GLY A 194 7.04 8.61 -45.21
C GLY A 194 5.55 8.67 -44.93
N MET A 195 5.06 7.77 -44.09
CA MET A 195 3.63 7.73 -43.76
C MET A 195 3.34 8.53 -42.48
N GLY A 196 3.18 9.83 -42.63
CA GLY A 196 2.97 10.66 -41.46
C GLY A 196 4.18 10.53 -40.55
N GLY A 197 5.35 10.33 -41.13
CA GLY A 197 6.55 10.21 -40.30
C GLY A 197 6.94 8.80 -39.90
N TYR A 198 6.16 7.81 -40.32
CA TYR A 198 6.45 6.41 -40.00
C TYR A 198 6.90 5.64 -41.23
N VAL A 199 7.57 4.52 -41.01
CA VAL A 199 7.97 3.66 -42.10
C VAL A 199 7.72 2.19 -41.68
N LYS A 200 7.25 1.40 -42.63
CA LYS A 200 7.05 -0.02 -42.44
C LYS A 200 8.33 -0.70 -42.95
N MET A 201 9.19 -1.13 -42.03
CA MET A 201 10.45 -1.76 -42.40
C MET A 201 10.26 -3.29 -42.52
N ALA A 202 10.87 -3.86 -43.56
CA ALA A 202 10.78 -5.30 -43.82
C ALA A 202 11.12 -6.12 -42.59
N LYS A 203 10.19 -7.01 -42.23
CA LYS A 203 10.34 -7.84 -41.05
C LYS A 203 10.57 -9.32 -41.40
N ASP A 204 11.41 -9.95 -40.60
CA ASP A 204 11.75 -11.34 -40.78
C ASP A 204 12.33 -11.61 -42.18
N ARG A 205 13.22 -10.71 -42.60
CA ARG A 205 13.96 -10.78 -43.86
C ARG A 205 15.46 -10.70 -43.52
N ARG A 206 15.92 -11.62 -42.68
CA ARG A 206 17.31 -11.71 -42.24
C ARG A 206 17.83 -10.43 -41.55
N ASN A 207 17.06 -9.90 -40.61
CA ASN A 207 17.48 -8.70 -39.90
C ASN A 207 17.80 -7.57 -40.91
N HIS A 208 16.85 -7.34 -41.83
CA HIS A 208 16.99 -6.33 -42.86
C HIS A 208 17.33 -4.96 -42.28
N CYS A 209 18.41 -4.38 -42.81
CA CYS A 209 18.92 -3.07 -42.38
C CYS A 209 19.41 -3.06 -40.92
N GLY A 210 19.63 -4.24 -40.35
CA GLY A 210 20.12 -4.35 -38.98
C GLY A 210 19.22 -3.90 -37.84
N ILE A 211 17.90 -3.88 -38.09
CA ILE A 211 16.93 -3.44 -37.09
C ILE A 211 17.09 -4.10 -35.71
N ALA A 212 17.48 -5.37 -35.66
CA ALA A 212 17.59 -6.05 -34.39
C ALA A 212 18.99 -6.02 -33.78
N SER A 213 19.95 -5.39 -34.45
CA SER A 213 21.34 -5.39 -33.96
C SER A 213 21.71 -4.36 -32.88
N ALA A 214 20.89 -3.33 -32.68
CA ALA A 214 21.18 -2.32 -31.65
C ALA A 214 19.88 -1.86 -31.00
N ALA A 215 19.14 -2.83 -30.53
CA ALA A 215 17.86 -2.61 -29.90
C ALA A 215 18.00 -2.59 -28.37
N SER A 216 17.33 -1.62 -27.75
CA SER A 216 17.36 -1.49 -26.31
C SER A 216 16.18 -0.67 -25.80
N TYR A 217 15.98 -0.72 -24.48
CA TYR A 217 14.95 0.06 -23.83
C TYR A 217 15.36 0.37 -22.39
N PRO A 218 14.82 1.46 -21.85
CA PRO A 218 15.16 1.81 -20.48
C PRO A 218 14.24 1.13 -19.47
N THR A 219 14.77 0.98 -18.25
CA THR A 219 13.99 0.42 -17.15
C THR A 219 13.68 1.58 -16.18
N VAL A 220 12.42 1.95 -16.06
CA VAL A 220 12.05 3.09 -15.22
C VAL A 220 11.41 2.69 -13.88
N ALA B 1 12.30 -28.47 11.40
CA ALA B 1 11.64 -27.61 12.43
C ALA B 1 12.56 -27.45 13.63
N PRO B 2 12.47 -26.31 14.33
CA PRO B 2 13.31 -26.03 15.50
C PRO B 2 13.24 -27.16 16.54
N ARG B 3 14.29 -27.24 17.37
CA ARG B 3 14.38 -28.24 18.42
C ARG B 3 13.43 -27.88 19.56
N SER B 4 13.23 -26.58 19.73
CA SER B 4 12.36 -26.04 20.76
C SER B 4 11.57 -24.86 20.25
N VAL B 5 10.33 -24.76 20.69
CA VAL B 5 9.47 -23.64 20.32
C VAL B 5 8.63 -23.22 21.54
N ASP B 6 8.53 -21.92 21.78
CA ASP B 6 7.73 -21.44 22.91
C ASP B 6 7.14 -20.07 22.54
N TRP B 7 5.89 -20.05 22.09
CA TRP B 7 5.28 -18.81 21.66
C TRP B 7 5.05 -17.79 22.78
N ARG B 8 5.08 -18.25 24.02
CA ARG B 8 4.90 -17.32 25.10
C ARG B 8 6.03 -16.27 25.05
N GLU B 9 7.21 -16.70 24.61
CA GLU B 9 8.39 -15.83 24.50
C GLU B 9 8.16 -14.66 23.50
N LYS B 10 7.27 -14.86 22.53
CA LYS B 10 7.01 -13.85 21.50
C LYS B 10 5.75 -13.00 21.70
N GLY B 11 5.07 -13.17 22.83
CA GLY B 11 3.90 -12.36 23.09
C GLY B 11 2.59 -12.84 22.49
N TYR B 12 2.54 -14.10 22.10
CA TYR B 12 1.34 -14.68 21.48
C TYR B 12 0.34 -15.23 22.47
N VAL B 13 0.70 -15.23 23.76
CA VAL B 13 -0.17 -15.92 24.73
C VAL B 13 -0.61 -15.08 25.94
N THR B 14 -1.92 -15.03 26.18
CA THR B 14 -2.45 -14.32 27.32
C THR B 14 -2.23 -15.15 28.61
N PRO B 15 -2.37 -14.51 29.79
CA PRO B 15 -2.20 -15.20 31.06
C PRO B 15 -3.19 -16.40 31.15
N VAL B 16 -2.94 -17.32 32.06
CA VAL B 16 -3.81 -18.48 32.23
C VAL B 16 -5.17 -18.08 32.77
N LYS B 17 -6.24 -18.58 32.15
CA LYS B 17 -7.59 -18.28 32.57
C LYS B 17 -8.20 -19.51 33.32
N ASN B 18 -9.39 -19.34 33.86
CA ASN B 18 -10.01 -20.42 34.63
C ASN B 18 -11.48 -20.64 34.19
N GLN B 19 -11.75 -21.79 33.60
CA GLN B 19 -13.10 -22.05 33.14
C GLN B 19 -14.08 -22.31 34.31
N GLY B 20 -13.54 -22.58 35.49
CA GLY B 20 -14.42 -22.85 36.62
C GLY B 20 -15.25 -24.10 36.41
N GLN B 21 -16.39 -24.17 37.10
CA GLN B 21 -17.28 -25.32 37.04
C GLN B 21 -18.28 -25.26 35.90
N CYS B 22 -17.73 -25.29 34.69
CA CYS B 22 -18.52 -25.20 33.49
C CYS B 22 -17.71 -25.90 32.35
N GLY B 23 -18.39 -26.71 31.54
CA GLY B 23 -17.73 -27.44 30.46
C GLY B 23 -17.53 -26.61 29.22
N SER B 24 -16.78 -25.54 29.39
CA SER B 24 -16.49 -24.56 28.34
C SER B 24 -15.02 -24.56 27.89
N CYS B 25 -14.27 -25.62 28.22
CA CYS B 25 -12.87 -25.72 27.82
C CYS B 25 -12.65 -25.45 26.33
N TRP B 26 -13.60 -25.87 25.51
CA TRP B 26 -13.50 -25.66 24.05
C TRP B 26 -13.47 -24.15 23.71
N ALA B 27 -14.17 -23.34 24.49
CA ALA B 27 -14.16 -21.91 24.26
C ALA B 27 -12.80 -21.31 24.66
N PHE B 28 -12.22 -21.80 25.76
CA PHE B 28 -10.91 -21.28 26.19
C PHE B 28 -9.81 -21.70 25.22
N SER B 29 -9.89 -22.93 24.73
CA SER B 29 -8.91 -23.40 23.76
C SER B 29 -9.05 -22.56 22.45
N ALA B 30 -10.29 -22.30 22.05
CA ALA B 30 -10.55 -21.52 20.82
C ALA B 30 -10.07 -20.07 20.97
N THR B 31 -10.37 -19.42 22.10
CA THR B 31 -9.92 -18.03 22.27
C THR B 31 -8.38 -17.99 22.32
N GLY B 32 -7.78 -19.04 22.88
CA GLY B 32 -6.33 -19.11 22.93
C GLY B 32 -5.72 -19.13 21.53
N ALA B 33 -6.26 -19.99 20.67
CA ALA B 33 -5.76 -20.06 19.30
C ALA B 33 -6.04 -18.75 18.54
N LEU B 34 -7.23 -18.17 18.74
CA LEU B 34 -7.55 -16.91 18.05
C LEU B 34 -6.66 -15.78 18.57
N GLU B 35 -6.44 -15.73 19.87
CA GLU B 35 -5.58 -14.65 20.44
C GLU B 35 -4.20 -14.67 19.76
N GLY B 36 -3.70 -15.89 19.56
CA GLY B 36 -2.40 -16.07 18.92
C GLY B 36 -2.40 -15.64 17.45
N GLN B 37 -3.41 -16.06 16.69
CA GLN B 37 -3.45 -15.68 15.26
C GLN B 37 -3.74 -14.19 15.06
N MET B 38 -4.59 -13.62 15.91
CA MET B 38 -4.88 -12.20 15.85
C MET B 38 -3.57 -11.43 16.11
N PHE B 39 -2.82 -11.90 17.09
CA PHE B 39 -1.53 -11.27 17.43
C PHE B 39 -0.57 -11.37 16.23
N ARG B 40 -0.47 -12.55 15.63
CA ARG B 40 0.43 -12.73 14.49
C ARG B 40 0.13 -11.75 13.38
N LYS B 41 -1.16 -11.42 13.22
CA LYS B 41 -1.61 -10.52 12.17
C LYS B 41 -1.47 -9.02 12.51
N THR B 42 -1.92 -8.62 13.69
CA THR B 42 -1.93 -7.21 14.08
C THR B 42 -0.79 -6.75 15.01
N GLY B 43 -0.15 -7.69 15.68
CA GLY B 43 0.90 -7.34 16.62
C GLY B 43 0.32 -6.91 17.95
N ARG B 44 -0.98 -7.07 18.14
CA ARG B 44 -1.62 -6.69 19.39
C ARG B 44 -2.25 -7.90 20.04
N LEU B 45 -1.95 -8.13 21.32
CA LEU B 45 -2.52 -9.27 22.06
C LEU B 45 -3.74 -8.78 22.84
N ILE B 46 -4.90 -9.31 22.48
CA ILE B 46 -6.13 -8.90 23.16
C ILE B 46 -6.91 -10.11 23.65
N SER B 47 -7.19 -10.13 24.95
CA SER B 47 -7.95 -11.24 25.54
C SER B 47 -9.37 -11.28 24.95
N LEU B 48 -9.79 -12.46 24.53
CA LEU B 48 -11.09 -12.63 23.88
C LEU B 48 -12.18 -13.23 24.79
N SER B 49 -13.45 -13.03 24.41
CA SER B 49 -14.58 -13.46 25.24
C SER B 49 -15.01 -14.92 25.15
N GLU B 50 -14.70 -15.72 26.17
CA GLU B 50 -15.19 -17.11 26.17
C GLU B 50 -16.71 -17.10 26.38
N GLN B 51 -17.20 -16.11 27.12
CA GLN B 51 -18.63 -16.04 27.40
C GLN B 51 -19.44 -15.85 26.11
N ASN B 52 -18.93 -14.97 25.25
CA ASN B 52 -19.55 -14.74 23.95
C ASN B 52 -19.74 -16.09 23.23
N LEU B 53 -18.69 -16.93 23.25
CA LEU B 53 -18.78 -18.26 22.60
C LEU B 53 -19.77 -19.20 23.29
N VAL B 54 -19.71 -19.23 24.61
CA VAL B 54 -20.62 -20.07 25.39
C VAL B 54 -22.11 -19.68 25.14
N ASP B 55 -22.38 -18.38 25.10
CA ASP B 55 -23.76 -17.91 24.95
C ASP B 55 -24.31 -17.92 23.55
N CYS B 56 -23.43 -17.80 22.56
CA CYS B 56 -23.92 -17.58 21.21
C CYS B 56 -23.64 -18.61 20.13
N SER B 57 -22.80 -19.60 20.39
CA SER B 57 -22.44 -20.53 19.31
C SER B 57 -23.23 -21.85 19.29
N GLY B 58 -24.44 -21.84 19.84
CA GLY B 58 -25.26 -23.05 19.79
C GLY B 58 -25.64 -23.45 18.36
N PRO B 59 -25.94 -22.49 17.48
CA PRO B 59 -26.31 -22.79 16.10
C PRO B 59 -25.19 -23.60 15.38
N GLN B 60 -23.95 -23.33 15.75
CA GLN B 60 -22.82 -24.02 15.15
C GLN B 60 -22.58 -25.42 15.74
N GLY B 61 -23.30 -25.77 16.80
CA GLY B 61 -23.13 -27.09 17.37
C GLY B 61 -22.67 -27.13 18.81
N ASN B 62 -22.29 -25.99 19.36
CA ASN B 62 -21.84 -25.98 20.75
C ASN B 62 -22.98 -26.04 21.76
N GLU B 63 -22.67 -26.55 22.95
CA GLU B 63 -23.67 -26.69 23.99
C GLU B 63 -23.33 -25.92 25.30
N GLY B 64 -22.75 -24.74 25.16
CA GLY B 64 -22.43 -23.93 26.32
C GLY B 64 -21.62 -24.63 27.39
N CYS B 65 -22.13 -24.66 28.62
CA CYS B 65 -21.40 -25.31 29.70
C CYS B 65 -21.48 -26.83 29.67
N ASN B 66 -22.23 -27.37 28.71
CA ASN B 66 -22.30 -28.82 28.60
C ASN B 66 -21.43 -29.36 27.47
N GLY B 67 -20.50 -28.54 26.99
CA GLY B 67 -19.60 -29.03 25.96
C GLY B 67 -19.61 -28.34 24.61
N GLY B 68 -18.60 -28.66 23.81
CA GLY B 68 -18.45 -28.09 22.48
C GLY B 68 -17.15 -28.49 21.80
N LEU B 69 -16.83 -27.78 20.73
CA LEU B 69 -15.63 -28.04 19.94
C LEU B 69 -15.00 -26.74 19.53
N MET B 70 -13.67 -26.72 19.46
CA MET B 70 -12.98 -25.50 19.05
C MET B 70 -13.34 -25.16 17.60
N ASP B 71 -13.52 -26.18 16.75
CA ASP B 71 -13.85 -25.87 15.36
C ASP B 71 -15.21 -25.20 15.26
N TYR B 72 -16.11 -25.57 16.16
CA TYR B 72 -17.44 -24.97 16.15
C TYR B 72 -17.33 -23.49 16.55
N ALA B 73 -16.45 -23.21 17.50
CA ALA B 73 -16.22 -21.84 17.94
C ALA B 73 -15.64 -21.01 16.76
N PHE B 74 -14.65 -21.54 16.06
CA PHE B 74 -14.09 -20.81 14.93
C PHE B 74 -15.14 -20.51 13.85
N GLN B 75 -16.00 -21.50 13.59
CA GLN B 75 -17.03 -21.32 12.57
C GLN B 75 -18.00 -20.22 13.00
N TYR B 76 -18.30 -20.18 14.30
CA TYR B 76 -19.19 -19.16 14.82
C TYR B 76 -18.60 -17.77 14.58
N VAL B 77 -17.30 -17.59 14.85
CA VAL B 77 -16.69 -16.28 14.66
C VAL B 77 -16.80 -15.82 13.20
N GLN B 78 -16.63 -16.76 12.27
CA GLN B 78 -16.75 -16.43 10.86
C GLN B 78 -18.21 -16.12 10.54
N ASP B 79 -19.10 -17.04 10.88
CA ASP B 79 -20.53 -16.87 10.64
C ASP B 79 -21.07 -15.53 11.15
N ASN B 80 -20.71 -15.27 12.40
CA ASN B 80 -21.13 -14.10 13.15
C ASN B 80 -20.52 -12.79 12.68
N GLY B 81 -19.37 -12.84 12.02
CA GLY B 81 -18.76 -11.61 11.58
C GLY B 81 -17.97 -10.90 12.69
N GLY B 82 -17.64 -11.63 13.76
CA GLY B 82 -16.86 -11.02 14.83
C GLY B 82 -16.96 -11.76 16.16
N LEU B 83 -16.17 -11.32 17.14
CA LEU B 83 -16.17 -11.91 18.49
C LEU B 83 -15.77 -10.78 19.46
N ASP B 84 -16.48 -10.64 20.57
CA ASP B 84 -16.19 -9.57 21.52
C ASP B 84 -14.97 -9.80 22.38
N SER B 85 -14.42 -8.71 22.90
CA SER B 85 -13.27 -8.83 23.80
C SER B 85 -13.70 -9.37 25.15
N GLU B 86 -12.73 -9.91 25.87
CA GLU B 86 -12.96 -10.43 27.23
C GLU B 86 -13.47 -9.28 28.14
N GLU B 87 -12.87 -8.12 27.98
CA GLU B 87 -13.24 -6.97 28.80
C GLU B 87 -14.71 -6.55 28.61
N SER B 88 -15.16 -6.53 27.36
CA SER B 88 -16.51 -6.12 26.99
C SER B 88 -17.62 -7.16 27.30
N TYR B 89 -17.23 -8.43 27.35
CA TYR B 89 -18.16 -9.53 27.54
C TYR B 89 -17.54 -10.56 28.51
N PRO B 90 -17.45 -10.20 29.80
CA PRO B 90 -16.88 -10.98 30.91
C PRO B 90 -17.37 -12.41 31.06
N TYR B 91 -16.47 -13.27 31.54
CA TYR B 91 -16.78 -14.69 31.76
C TYR B 91 -17.59 -14.88 33.06
N GLU B 92 -18.67 -15.67 32.97
CA GLU B 92 -19.57 -15.91 34.11
C GLU B 92 -19.65 -17.40 34.53
N ALA B 93 -19.01 -18.28 33.78
CA ALA B 93 -19.00 -19.71 34.08
C ALA B 93 -20.39 -20.33 34.14
N THR B 94 -21.30 -19.78 33.35
CA THR B 94 -22.66 -20.31 33.26
C THR B 94 -23.28 -19.79 31.98
N GLU B 95 -24.10 -20.60 31.32
CA GLU B 95 -24.69 -20.12 30.08
C GLU B 95 -25.82 -19.10 30.30
N GLU B 96 -25.79 -18.05 29.48
CA GLU B 96 -26.80 -17.00 29.51
C GLU B 96 -27.25 -16.63 28.09
N SER B 97 -28.18 -15.68 27.98
CA SER B 97 -28.64 -15.26 26.67
C SER B 97 -27.49 -14.58 25.88
N CYS B 98 -27.51 -14.75 24.57
CA CYS B 98 -26.48 -14.14 23.73
C CYS B 98 -26.55 -12.60 23.81
N LYS B 99 -25.42 -12.00 24.14
CA LYS B 99 -25.32 -10.55 24.26
C LYS B 99 -24.23 -9.99 23.35
N TYR B 100 -23.95 -10.69 22.25
CA TYR B 100 -22.94 -10.21 21.33
C TYR B 100 -23.28 -8.81 20.86
N ASN B 101 -22.28 -7.96 20.82
CA ASN B 101 -22.40 -6.58 20.36
C ASN B 101 -21.25 -6.31 19.38
N PRO B 102 -21.55 -6.10 18.08
CA PRO B 102 -20.44 -5.86 17.15
C PRO B 102 -19.56 -4.64 17.47
N LYS B 103 -20.09 -3.71 18.25
CA LYS B 103 -19.33 -2.52 18.60
C LYS B 103 -18.04 -2.88 19.33
N TYR B 104 -18.08 -3.99 20.04
CA TYR B 104 -16.93 -4.45 20.82
C TYR B 104 -16.18 -5.66 20.23
N SER B 105 -16.39 -5.92 18.94
CA SER B 105 -15.70 -7.02 18.29
C SER B 105 -14.21 -6.69 18.08
N VAL B 106 -13.32 -7.61 18.46
CA VAL B 106 -11.89 -7.37 18.32
C VAL B 106 -11.16 -8.50 17.61
N ALA B 107 -11.90 -9.55 17.20
CA ALA B 107 -11.30 -10.66 16.48
C ALA B 107 -12.25 -11.18 15.40
N ASN B 108 -11.70 -11.95 14.48
CA ASN B 108 -12.51 -12.53 13.42
C ASN B 108 -11.81 -13.74 12.84
N ASP B 109 -12.44 -14.40 11.90
CA ASP B 109 -11.78 -15.48 11.24
C ASP B 109 -12.47 -15.85 9.95
N THR B 110 -11.65 -16.31 9.01
CA THR B 110 -12.16 -16.63 7.69
C THR B 110 -12.09 -18.14 7.42
N GLY B 111 -12.19 -18.91 8.49
CA GLY B 111 -12.13 -20.36 8.35
C GLY B 111 -11.16 -20.92 9.36
N PHE B 112 -10.86 -22.20 9.21
CA PHE B 112 -9.94 -22.85 10.11
C PHE B 112 -9.32 -24.06 9.44
N VAL B 113 -8.23 -24.54 10.02
CA VAL B 113 -7.53 -25.66 9.46
C VAL B 113 -7.42 -26.83 10.41
N ASP B 114 -7.92 -27.98 9.96
CA ASP B 114 -7.76 -29.20 10.75
C ASP B 114 -6.44 -29.86 10.32
N ILE B 115 -5.51 -29.99 11.26
CA ILE B 115 -4.16 -30.56 11.03
C ILE B 115 -4.17 -32.09 10.89
N PRO B 116 -3.37 -32.66 9.97
CA PRO B 116 -3.35 -34.13 9.84
C PRO B 116 -3.09 -34.75 11.23
N LYS B 117 -3.64 -35.94 11.49
CA LYS B 117 -3.54 -36.58 12.80
C LYS B 117 -2.18 -37.27 13.08
N GLN B 118 -1.10 -36.52 13.00
CA GLN B 118 0.25 -37.04 13.27
C GLN B 118 1.04 -36.02 14.09
N GLU B 119 1.78 -36.47 15.10
CA GLU B 119 2.56 -35.54 15.90
C GLU B 119 3.52 -34.73 15.02
N LYS B 120 3.97 -35.35 13.95
CA LYS B 120 4.87 -34.66 13.04
C LYS B 120 4.19 -33.43 12.43
N ALA B 121 2.96 -33.60 12.00
CA ALA B 121 2.19 -32.50 11.43
C ALA B 121 1.88 -31.44 12.50
N LEU B 122 1.58 -31.88 13.72
CA LEU B 122 1.31 -30.92 14.80
C LEU B 122 2.56 -30.07 15.05
N MET B 123 3.72 -30.73 15.06
CA MET B 123 5.00 -30.06 15.27
C MET B 123 5.24 -28.97 14.23
N LYS B 124 4.94 -29.25 12.96
CA LYS B 124 5.12 -28.26 11.91
C LYS B 124 4.14 -27.09 12.07
N ALA B 125 2.89 -27.41 12.40
CA ALA B 125 1.92 -26.34 12.60
C ALA B 125 2.34 -25.44 13.76
N VAL B 126 2.79 -26.07 14.86
CA VAL B 126 3.23 -25.31 16.03
C VAL B 126 4.44 -24.43 15.70
N ALA B 127 5.38 -25.00 14.94
CA ALA B 127 6.59 -24.27 14.56
C ALA B 127 6.34 -23.13 13.56
N THR B 128 5.33 -23.25 12.71
CA THR B 128 5.09 -22.23 11.69
C THR B 128 3.86 -21.33 11.86
N VAL B 129 2.85 -21.79 12.59
CA VAL B 129 1.61 -21.01 12.74
C VAL B 129 1.47 -20.22 14.04
N GLY B 130 1.76 -20.87 15.16
CA GLY B 130 1.62 -20.24 16.48
C GLY B 130 0.87 -21.25 17.35
N PRO B 131 0.28 -20.85 18.50
CA PRO B 131 -0.45 -21.76 19.38
C PRO B 131 -1.57 -22.50 18.63
N ILE B 132 -1.67 -23.81 18.88
CA ILE B 132 -2.62 -24.67 18.19
C ILE B 132 -3.67 -25.26 19.19
N SER B 133 -4.95 -25.24 18.81
CA SER B 133 -5.98 -25.84 19.66
C SER B 133 -5.90 -27.37 19.51
N VAL B 134 -5.93 -28.10 20.62
CA VAL B 134 -5.90 -29.56 20.57
C VAL B 134 -6.81 -30.14 21.66
N ALA B 135 -7.16 -31.42 21.52
CA ALA B 135 -7.93 -32.13 22.53
C ALA B 135 -7.09 -33.30 23.08
N ILE B 136 -7.10 -33.48 24.39
CA ILE B 136 -6.33 -34.56 25.02
C ILE B 136 -7.20 -35.38 25.96
N ASP B 137 -6.72 -36.58 26.28
CA ASP B 137 -7.42 -37.45 27.20
C ASP B 137 -7.03 -37.06 28.62
N ALA B 138 -7.86 -36.23 29.25
CA ALA B 138 -7.64 -35.81 30.62
C ALA B 138 -8.60 -36.60 31.53
N GLY B 139 -9.00 -37.77 31.08
CA GLY B 139 -9.94 -38.58 31.84
C GLY B 139 -9.34 -39.42 32.94
N HIS B 140 -8.44 -38.84 33.74
CA HIS B 140 -7.78 -39.61 34.80
C HIS B 140 -7.38 -38.78 36.03
N GLU B 141 -7.41 -39.41 37.20
CA GLU B 141 -7.06 -38.72 38.44
C GLU B 141 -5.74 -38.01 38.31
N SER B 142 -4.77 -38.70 37.70
CA SER B 142 -3.41 -38.16 37.58
C SER B 142 -3.35 -36.80 36.87
N PHE B 143 -4.27 -36.54 35.97
CA PHE B 143 -4.28 -35.25 35.28
C PHE B 143 -4.86 -34.19 36.21
N LEU B 144 -5.88 -34.57 36.99
CA LEU B 144 -6.46 -33.62 37.89
C LEU B 144 -5.46 -33.24 38.99
N PHE B 145 -4.64 -34.20 39.41
CA PHE B 145 -3.68 -33.93 40.50
C PHE B 145 -2.29 -33.51 40.02
N TYR B 146 -2.12 -33.29 38.72
CA TYR B 146 -0.82 -32.93 38.17
C TYR B 146 -0.27 -31.59 38.71
N LYS B 147 1.02 -31.61 39.05
CA LYS B 147 1.70 -30.39 39.54
C LYS B 147 2.92 -30.03 38.68
N GLU B 148 3.76 -31.01 38.37
CA GLU B 148 4.94 -30.70 37.59
C GLU B 148 5.55 -31.90 36.89
N GLY B 149 6.45 -31.61 35.94
CA GLY B 149 7.13 -32.66 35.20
C GLY B 149 6.45 -33.01 33.88
N ILE B 150 6.98 -34.02 33.20
CA ILE B 150 6.41 -34.43 31.94
C ILE B 150 5.28 -35.42 32.21
N TYR B 151 4.06 -35.00 31.90
CA TYR B 151 2.93 -35.86 32.14
C TYR B 151 2.89 -37.04 31.20
N PHE B 152 2.84 -38.22 31.79
CA PHE B 152 2.73 -39.44 31.01
C PHE B 152 1.85 -40.43 31.77
N GLU B 153 0.63 -40.59 31.28
CA GLU B 153 -0.32 -41.52 31.88
C GLU B 153 -0.35 -42.81 31.07
N PRO B 154 0.09 -43.92 31.67
CA PRO B 154 0.13 -45.24 31.02
C PRO B 154 -1.25 -45.66 30.48
N ASP B 155 -2.30 -45.24 31.18
CA ASP B 155 -3.66 -45.59 30.80
C ASP B 155 -4.29 -44.57 29.84
N CYS B 156 -3.49 -43.68 29.26
CA CYS B 156 -4.04 -42.68 28.35
C CYS B 156 -4.49 -43.29 27.01
N SER B 157 -5.54 -42.70 26.47
CA SER B 157 -6.12 -43.13 25.20
C SER B 157 -5.96 -42.05 24.15
N SER B 158 -5.67 -42.47 22.92
CA SER B 158 -5.51 -41.52 21.83
C SER B 158 -6.81 -41.42 21.02
N GLU B 159 -7.90 -41.94 21.57
CA GLU B 159 -9.18 -41.94 20.86
C GLU B 159 -10.35 -41.30 21.62
N ASP B 160 -10.24 -41.11 22.93
CA ASP B 160 -11.39 -40.56 23.64
C ASP B 160 -11.13 -39.20 24.30
N MET B 161 -10.29 -38.39 23.67
CA MET B 161 -9.96 -37.07 24.20
C MET B 161 -11.19 -36.34 24.71
N ASP B 162 -11.13 -35.81 25.93
CA ASP B 162 -12.26 -35.16 26.53
C ASP B 162 -11.97 -33.73 27.04
N HIS B 163 -10.81 -33.18 26.68
CA HIS B 163 -10.47 -31.87 27.19
C HIS B 163 -9.69 -31.00 26.19
N GLY B 164 -10.28 -29.87 25.81
CA GLY B 164 -9.64 -28.96 24.86
C GLY B 164 -8.63 -28.08 25.58
N VAL B 165 -7.46 -27.94 25.00
CA VAL B 165 -6.39 -27.14 25.59
C VAL B 165 -5.58 -26.44 24.47
N LEU B 166 -4.46 -25.80 24.80
CA LEU B 166 -3.70 -25.07 23.77
C LEU B 166 -2.22 -25.43 23.77
N VAL B 167 -1.71 -25.86 22.62
CA VAL B 167 -0.29 -26.17 22.52
C VAL B 167 0.43 -24.84 22.14
N VAL B 168 1.27 -24.34 23.04
CA VAL B 168 1.98 -23.09 22.76
C VAL B 168 3.45 -23.32 22.39
N GLY B 169 3.84 -24.58 22.29
CA GLY B 169 5.21 -24.89 21.92
C GLY B 169 5.62 -26.31 22.24
N TYR B 170 6.92 -26.57 22.26
CA TYR B 170 7.43 -27.88 22.58
C TYR B 170 8.90 -27.79 22.92
N GLY B 171 9.44 -28.82 23.56
CA GLY B 171 10.85 -28.78 23.87
C GLY B 171 11.36 -30.09 24.39
N PHE B 172 12.47 -30.01 25.11
CA PHE B 172 13.10 -31.19 25.67
C PHE B 172 13.79 -30.85 26.99
N GLU B 173 13.84 -31.83 27.89
CA GLU B 173 14.48 -31.67 29.20
C GLU B 173 15.80 -32.40 29.25
N SER B 174 16.70 -31.94 30.11
CA SER B 174 18.02 -32.56 30.23
C SER B 174 17.97 -33.92 30.96
N ASN B 180 12.08 -37.65 27.04
CA ASN B 180 12.48 -36.34 27.57
C ASN B 180 11.89 -35.19 26.76
N LYS B 181 11.09 -35.49 25.75
CA LYS B 181 10.47 -34.45 24.95
C LYS B 181 9.04 -34.17 25.40
N TYR B 182 8.57 -32.96 25.17
CA TYR B 182 7.23 -32.60 25.62
C TYR B 182 6.60 -31.50 24.81
N TRP B 183 5.28 -31.46 24.88
CA TRP B 183 4.49 -30.41 24.25
C TRP B 183 4.18 -29.42 25.39
N LEU B 184 4.34 -28.12 25.15
CA LEU B 184 4.04 -27.12 26.16
C LEU B 184 2.55 -26.78 26.04
N VAL B 185 1.76 -27.16 27.04
CA VAL B 185 0.32 -26.99 26.96
C VAL B 185 -0.27 -26.06 28.02
N LYS B 186 -1.03 -25.08 27.54
CA LYS B 186 -1.73 -24.13 28.39
C LYS B 186 -3.10 -24.72 28.70
N ASN B 187 -3.41 -24.89 29.97
CA ASN B 187 -4.72 -25.41 30.37
C ASN B 187 -5.61 -24.21 30.77
N SER B 188 -6.88 -24.45 31.08
CA SER B 188 -7.81 -23.38 31.46
C SER B 188 -8.45 -23.65 32.83
N TRP B 189 -7.61 -24.13 33.76
CA TRP B 189 -8.04 -24.44 35.11
C TRP B 189 -7.41 -23.52 36.18
N GLY B 190 -7.03 -22.31 35.77
CA GLY B 190 -6.41 -21.39 36.72
C GLY B 190 -4.93 -21.65 36.85
N GLU B 191 -4.21 -20.73 37.48
CA GLU B 191 -2.77 -20.86 37.62
C GLU B 191 -2.32 -21.68 38.83
N GLU B 192 -3.27 -22.19 39.60
CA GLU B 192 -2.94 -22.99 40.78
C GLU B 192 -2.88 -24.50 40.46
N TRP B 193 -3.18 -24.88 39.23
CA TRP B 193 -3.09 -26.26 38.78
C TRP B 193 -1.79 -26.42 37.98
N GLY B 194 -1.10 -27.54 38.11
CA GLY B 194 0.10 -27.75 37.33
C GLY B 194 1.17 -26.70 37.51
N MET B 195 1.89 -26.38 36.42
CA MET B 195 2.96 -25.38 36.51
C MET B 195 2.44 -24.00 36.10
N GLY B 196 1.84 -23.30 37.06
CA GLY B 196 1.27 -22.01 36.77
C GLY B 196 0.16 -22.19 35.72
N GLY B 197 -0.52 -23.32 35.78
CA GLY B 197 -1.59 -23.56 34.80
C GLY B 197 -1.19 -24.28 33.52
N TYR B 198 0.09 -24.62 33.38
CA TYR B 198 0.59 -25.32 32.20
C TYR B 198 0.97 -26.75 32.54
N VAL B 199 1.03 -27.59 31.52
CA VAL B 199 1.46 -28.97 31.68
C VAL B 199 2.39 -29.35 30.51
N LYS B 200 3.44 -30.10 30.83
CA LYS B 200 4.35 -30.62 29.84
C LYS B 200 3.85 -32.02 29.49
N MET B 201 3.18 -32.15 28.35
CA MET B 201 2.64 -33.44 27.93
C MET B 201 3.69 -34.22 27.11
N ALA B 202 3.79 -35.52 27.37
CA ALA B 202 4.73 -36.39 26.69
C ALA B 202 4.64 -36.24 25.17
N LYS B 203 5.79 -35.97 24.55
CA LYS B 203 5.88 -35.76 23.12
C LYS B 203 6.61 -36.90 22.42
N ASP B 204 6.15 -37.19 21.21
CA ASP B 204 6.71 -38.25 20.39
C ASP B 204 6.74 -39.61 21.13
N ARG B 205 5.62 -39.90 21.79
CA ARG B 205 5.36 -41.15 22.52
C ARG B 205 4.05 -41.74 21.96
N ARG B 206 4.03 -41.96 20.65
CA ARG B 206 2.87 -42.54 19.95
C ARG B 206 1.58 -41.71 20.13
N ASN B 207 1.66 -40.41 19.92
CA ASN B 207 0.47 -39.55 20.06
C ASN B 207 -0.18 -39.77 21.44
N HIS B 208 0.65 -39.69 22.49
CA HIS B 208 0.21 -39.88 23.86
C HIS B 208 -0.99 -38.99 24.21
N CYS B 209 -2.04 -39.62 24.72
CA CYS B 209 -3.28 -38.96 25.10
C CYS B 209 -4.01 -38.31 23.92
N GLY B 210 -3.66 -38.70 22.70
CA GLY B 210 -4.31 -38.18 21.51
C GLY B 210 -4.10 -36.70 21.17
N ILE B 211 -3.01 -36.11 21.67
CA ILE B 211 -2.75 -34.69 21.42
C ILE B 211 -2.81 -34.27 19.95
N ALA B 212 -2.39 -35.14 19.03
CA ALA B 212 -2.40 -34.78 17.61
C ALA B 212 -3.67 -35.17 16.86
N SER B 213 -4.63 -35.78 17.53
CA SER B 213 -5.83 -36.27 16.84
C SER B 213 -6.97 -35.26 16.60
N ALA B 214 -6.96 -34.12 17.28
CA ALA B 214 -8.02 -33.11 17.09
C ALA B 214 -7.42 -31.72 17.20
N ALA B 215 -6.36 -31.51 16.42
CA ALA B 215 -5.63 -30.26 16.39
C ALA B 215 -6.09 -29.38 15.23
N SER B 216 -6.28 -28.10 15.54
CA SER B 216 -6.71 -27.13 14.54
C SER B 216 -6.37 -25.71 14.95
N TYR B 217 -6.48 -24.80 13.99
CA TYR B 217 -6.26 -23.39 14.23
C TYR B 217 -7.09 -22.56 13.27
N PRO B 218 -7.41 -21.33 13.66
CA PRO B 218 -8.20 -20.47 12.80
C PRO B 218 -7.33 -19.67 11.84
N THR B 219 -7.94 -19.29 10.72
CA THR B 219 -7.27 -18.46 9.72
C THR B 219 -7.93 -17.07 9.80
N VAL B 220 -7.16 -16.06 10.25
CA VAL B 220 -7.73 -14.73 10.42
C VAL B 220 -7.31 -13.72 9.32
N ALA C 1 40.32 23.15 8.67
CA ALA C 1 38.93 23.04 9.20
C ALA C 1 38.81 23.75 10.57
N PRO C 2 37.71 24.49 10.79
CA PRO C 2 37.44 25.22 12.02
C PRO C 2 37.36 24.34 13.28
N ARG C 3 37.51 24.99 14.43
CA ARG C 3 37.44 24.35 15.73
C ARG C 3 36.01 23.86 16.02
N SER C 4 35.03 24.59 15.50
CA SER C 4 33.62 24.25 15.70
C SER C 4 32.76 24.50 14.47
N VAL C 5 31.71 23.70 14.32
CA VAL C 5 30.74 23.83 13.22
C VAL C 5 29.37 23.34 13.67
N ASP C 6 28.32 24.05 13.28
CA ASP C 6 26.96 23.67 13.65
C ASP C 6 26.01 24.15 12.57
N TRP C 7 25.54 23.24 11.71
CA TRP C 7 24.66 23.65 10.60
C TRP C 7 23.26 24.09 10.99
N ARG C 8 22.85 23.88 12.24
CA ARG C 8 21.54 24.37 12.63
C ARG C 8 21.57 25.92 12.60
N GLU C 9 22.77 26.48 12.83
CA GLU C 9 23.00 27.93 12.81
C GLU C 9 22.60 28.56 11.45
N LYS C 10 22.67 27.76 10.37
CA LYS C 10 22.37 28.25 9.03
C LYS C 10 20.99 27.83 8.45
N GLY C 11 20.20 27.08 9.21
CA GLY C 11 18.87 26.67 8.73
C GLY C 11 18.81 25.43 7.84
N TYR C 12 19.81 24.56 7.96
CA TYR C 12 19.91 23.34 7.17
C TYR C 12 19.15 22.13 7.77
N VAL C 13 18.75 22.25 9.03
CA VAL C 13 18.14 21.10 9.70
C VAL C 13 16.66 21.22 10.06
N THR C 14 15.87 20.21 9.74
CA THR C 14 14.45 20.22 10.09
C THR C 14 14.30 19.79 11.58
N PRO C 15 13.09 19.90 12.14
CA PRO C 15 12.92 19.50 13.54
C PRO C 15 13.19 17.99 13.70
N VAL C 16 13.47 17.57 14.92
CA VAL C 16 13.71 16.16 15.19
C VAL C 16 12.45 15.31 14.87
N LYS C 17 12.66 14.18 14.21
CA LYS C 17 11.57 13.27 13.88
C LYS C 17 11.64 11.98 14.75
N ASN C 18 10.65 11.11 14.61
CA ASN C 18 10.59 9.89 15.40
C ASN C 18 10.19 8.69 14.52
N GLN C 19 11.14 7.79 14.32
CA GLN C 19 10.93 6.62 13.49
C GLN C 19 10.00 5.58 14.14
N GLY C 20 9.82 5.67 15.46
CA GLY C 20 8.94 4.73 16.13
C GLY C 20 9.45 3.31 16.08
N GLN C 21 8.54 2.36 16.29
CA GLN C 21 8.91 0.95 16.29
C GLN C 21 9.02 0.38 14.86
N CYS C 22 9.97 0.90 14.11
CA CYS C 22 10.23 0.52 12.72
C CYS C 22 11.72 0.78 12.48
N GLY C 23 12.42 -0.19 11.89
CA GLY C 23 13.85 -0.08 11.60
C GLY C 23 14.13 0.73 10.35
N SER C 24 13.64 1.96 10.35
CA SER C 24 13.77 2.88 9.22
C SER C 24 14.77 4.04 9.46
N CYS C 25 15.66 3.88 10.43
CA CYS C 25 16.63 4.94 10.73
C CYS C 25 17.43 5.37 9.50
N TRP C 26 17.73 4.40 8.64
CA TRP C 26 18.45 4.70 7.41
C TRP C 26 17.70 5.72 6.55
N ALA C 27 16.37 5.64 6.53
CA ALA C 27 15.57 6.61 5.77
C ALA C 27 15.59 8.00 6.42
N PHE C 28 15.53 8.08 7.75
CA PHE C 28 15.60 9.39 8.41
C PHE C 28 16.99 10.03 8.25
N SER C 29 18.03 9.21 8.30
CA SER C 29 19.37 9.75 8.10
C SER C 29 19.48 10.29 6.64
N ALA C 30 18.95 9.52 5.69
CA ALA C 30 19.00 9.92 4.30
C ALA C 30 18.20 11.22 4.07
N THR C 31 16.95 11.30 4.55
CA THR C 31 16.20 12.54 4.34
C THR C 31 16.88 13.73 5.00
N GLY C 32 17.49 13.51 6.16
CA GLY C 32 18.18 14.56 6.86
C GLY C 32 19.33 15.12 6.02
N ALA C 33 20.13 14.23 5.44
CA ALA C 33 21.25 14.70 4.60
C ALA C 33 20.74 15.37 3.30
N LEU C 34 19.66 14.81 2.73
CA LEU C 34 19.09 15.37 1.49
C LEU C 34 18.43 16.72 1.77
N GLU C 35 17.80 16.81 2.94
CA GLU C 35 17.18 18.08 3.35
C GLU C 35 18.26 19.18 3.37
N GLY C 36 19.40 18.83 3.96
CA GLY C 36 20.52 19.76 4.04
C GLY C 36 21.11 20.16 2.69
N GLN C 37 21.31 19.18 1.81
CA GLN C 37 21.90 19.47 0.49
C GLN C 37 20.92 20.23 -0.41
N MET C 38 19.64 19.93 -0.27
CA MET C 38 18.62 20.65 -1.03
C MET C 38 18.56 22.09 -0.54
N PHE C 39 18.68 22.29 0.78
CA PHE C 39 18.66 23.65 1.31
C PHE C 39 19.87 24.43 0.78
N ARG C 40 21.04 23.80 0.84
CA ARG C 40 22.24 24.45 0.35
C ARG C 40 22.08 24.91 -1.11
N LYS C 41 21.38 24.10 -1.90
CA LYS C 41 21.19 24.42 -3.31
C LYS C 41 20.08 25.43 -3.63
N THR C 42 18.96 25.38 -2.90
CA THR C 42 17.85 26.26 -3.22
C THR C 42 17.47 27.25 -2.12
N GLY C 43 18.11 27.16 -0.95
CA GLY C 43 17.78 28.07 0.12
C GLY C 43 16.44 27.76 0.77
N ARG C 44 15.81 26.67 0.37
CA ARG C 44 14.52 26.27 0.93
C ARG C 44 14.64 24.96 1.73
N LEU C 45 14.17 24.98 2.98
CA LEU C 45 14.18 23.82 3.86
C LEU C 45 12.80 23.15 3.81
N ILE C 46 12.74 21.98 3.18
CA ILE C 46 11.50 21.22 3.03
C ILE C 46 11.64 19.80 3.62
N SER C 47 10.79 19.45 4.58
CA SER C 47 10.85 18.13 5.18
C SER C 47 10.49 17.04 4.13
N LEU C 48 11.33 16.01 4.04
CA LEU C 48 11.16 14.94 3.05
C LEU C 48 10.55 13.65 3.61
N SER C 49 9.94 12.88 2.72
CA SER C 49 9.23 11.67 3.11
C SER C 49 10.06 10.42 3.34
N GLU C 50 10.18 10.01 4.60
CA GLU C 50 10.88 8.76 4.90
C GLU C 50 10.01 7.58 4.46
N GLN C 51 8.69 7.76 4.54
CA GLN C 51 7.78 6.68 4.13
C GLN C 51 7.98 6.31 2.65
N ASN C 52 8.19 7.32 1.82
CA ASN C 52 8.42 7.13 0.39
C ASN C 52 9.64 6.18 0.23
N LEU C 53 10.69 6.42 1.00
CA LEU C 53 11.88 5.55 0.93
C LEU C 53 11.58 4.15 1.46
N VAL C 54 10.84 4.08 2.56
CA VAL C 54 10.53 2.79 3.15
C VAL C 54 9.72 1.90 2.22
N ASP C 55 8.71 2.49 1.57
CA ASP C 55 7.84 1.75 0.67
C ASP C 55 8.42 1.46 -0.70
N CYS C 56 9.33 2.31 -1.17
CA CYS C 56 9.75 2.19 -2.55
C CYS C 56 11.21 1.83 -2.88
N SER C 57 12.12 1.85 -1.91
CA SER C 57 13.52 1.59 -2.24
C SER C 57 13.97 0.12 -2.12
N GLY C 58 13.02 -0.81 -2.19
CA GLY C 58 13.39 -2.21 -2.15
C GLY C 58 14.28 -2.60 -3.33
N PRO C 59 14.03 -2.09 -4.55
CA PRO C 59 14.90 -2.49 -5.66
C PRO C 59 16.39 -2.15 -5.42
N GLN C 60 16.65 -1.05 -4.72
CA GLN C 60 18.01 -0.64 -4.45
C GLN C 60 18.69 -1.51 -3.36
N GLY C 61 17.87 -2.29 -2.65
CA GLY C 61 18.39 -3.18 -1.64
C GLY C 61 17.88 -2.93 -0.23
N ASN C 62 17.08 -1.89 -0.03
CA ASN C 62 16.58 -1.62 1.31
C ASN C 62 15.49 -2.63 1.68
N GLU C 63 15.22 -2.76 2.98
CA GLU C 63 14.25 -3.73 3.47
C GLU C 63 13.19 -3.12 4.37
N GLY C 64 12.79 -1.90 4.05
CA GLY C 64 11.75 -1.24 4.82
C GLY C 64 11.99 -1.09 6.31
N CYS C 65 11.05 -1.59 7.13
CA CYS C 65 11.18 -1.50 8.58
C CYS C 65 12.18 -2.52 9.11
N ASN C 66 12.69 -3.37 8.22
CA ASN C 66 13.67 -4.37 8.61
C ASN C 66 15.13 -3.91 8.35
N GLY C 67 15.29 -2.66 7.95
CA GLY C 67 16.65 -2.17 7.77
C GLY C 67 17.01 -1.67 6.37
N GLY C 68 18.15 -1.00 6.29
CA GLY C 68 18.56 -0.47 5.01
C GLY C 68 19.80 0.38 5.15
N LEU C 69 20.14 1.06 4.07
CA LEU C 69 21.34 1.89 4.01
C LEU C 69 21.02 3.24 3.43
N MET C 70 21.65 4.29 3.96
CA MET C 70 21.41 5.59 3.40
C MET C 70 21.84 5.65 1.92
N ASP C 71 22.96 4.98 1.57
CA ASP C 71 23.38 5.05 0.16
C ASP C 71 22.36 4.43 -0.80
N TYR C 72 21.71 3.35 -0.34
CA TYR C 72 20.69 2.73 -1.15
C TYR C 72 19.55 3.74 -1.32
N ALA C 73 19.26 4.52 -0.27
CA ALA C 73 18.21 5.54 -0.35
C ALA C 73 18.57 6.67 -1.36
N PHE C 74 19.83 7.11 -1.35
CA PHE C 74 20.26 8.15 -2.29
C PHE C 74 20.17 7.63 -3.72
N GLN C 75 20.49 6.34 -3.86
CA GLN C 75 20.40 5.68 -5.15
C GLN C 75 18.94 5.63 -5.63
N TYR C 76 18.02 5.36 -4.71
CA TYR C 76 16.60 5.33 -5.07
C TYR C 76 16.14 6.69 -5.62
N VAL C 77 16.46 7.76 -4.90
CA VAL C 77 16.07 9.10 -5.30
C VAL C 77 16.57 9.39 -6.74
N GLN C 78 17.80 8.97 -6.99
CA GLN C 78 18.44 9.16 -8.26
C GLN C 78 17.77 8.33 -9.35
N ASP C 79 17.57 7.04 -9.08
CA ASP C 79 16.96 6.09 -10.00
C ASP C 79 15.49 6.43 -10.29
N ASN C 80 14.85 7.00 -9.26
CA ASN C 80 13.43 7.35 -9.29
C ASN C 80 13.13 8.72 -9.91
N GLY C 81 14.12 9.60 -9.93
CA GLY C 81 13.90 10.92 -10.48
C GLY C 81 13.18 11.85 -9.53
N GLY C 82 13.19 11.51 -8.23
CA GLY C 82 12.52 12.35 -7.27
C GLY C 82 12.18 11.68 -5.94
N LEU C 83 11.71 12.51 -5.01
CA LEU C 83 11.28 12.08 -3.68
C LEU C 83 10.19 13.04 -3.18
N ASP C 84 9.07 12.51 -2.68
CA ASP C 84 7.96 13.35 -2.21
C ASP C 84 8.25 14.04 -0.87
N SER C 85 7.55 15.13 -0.64
CA SER C 85 7.70 15.89 0.59
C SER C 85 7.07 15.09 1.75
N GLU C 86 7.48 15.39 2.97
CA GLU C 86 6.91 14.72 4.14
C GLU C 86 5.40 15.03 4.21
N GLU C 87 5.08 16.27 3.90
CA GLU C 87 3.69 16.71 3.93
C GLU C 87 2.78 15.86 3.04
N SER C 88 3.22 15.61 1.80
CA SER C 88 2.42 14.83 0.86
C SER C 88 2.45 13.31 1.05
N TYR C 89 3.47 12.79 1.74
CA TYR C 89 3.61 11.35 1.92
C TYR C 89 4.04 11.05 3.36
N PRO C 90 3.12 11.27 4.32
CA PRO C 90 3.21 11.10 5.77
C PRO C 90 3.84 9.80 6.27
N TYR C 91 4.52 9.88 7.41
CA TYR C 91 5.18 8.71 8.00
C TYR C 91 4.19 7.82 8.78
N GLU C 92 4.14 6.54 8.41
CA GLU C 92 3.23 5.56 9.03
C GLU C 92 3.97 4.50 9.91
N ALA C 93 5.30 4.52 9.92
CA ALA C 93 6.10 3.58 10.70
C ALA C 93 5.77 2.10 10.43
N THR C 94 5.47 1.78 9.18
CA THR C 94 5.19 0.42 8.76
C THR C 94 5.30 0.38 7.24
N GLU C 95 5.73 -0.74 6.67
CA GLU C 95 5.87 -0.79 5.22
C GLU C 95 4.53 -1.05 4.55
N GLU C 96 4.30 -0.32 3.45
CA GLU C 96 3.10 -0.47 2.64
C GLU C 96 3.52 -0.46 1.16
N SER C 97 2.58 -0.61 0.23
CA SER C 97 2.95 -0.61 -1.18
C SER C 97 3.41 0.79 -1.58
N CYS C 98 4.25 0.90 -2.61
CA CYS C 98 4.75 2.22 -3.03
C CYS C 98 3.65 3.16 -3.59
N LYS C 99 3.58 4.38 -3.07
CA LYS C 99 2.59 5.38 -3.49
C LYS C 99 3.27 6.68 -4.00
N TYR C 100 4.52 6.55 -4.43
CA TYR C 100 5.23 7.74 -4.90
C TYR C 100 4.41 8.45 -6.00
N ASN C 101 4.30 9.76 -5.86
CA ASN C 101 3.58 10.56 -6.84
C ASN C 101 4.48 11.73 -7.29
N PRO C 102 4.91 11.72 -8.58
CA PRO C 102 5.78 12.73 -9.19
C PRO C 102 5.32 14.18 -8.93
N LYS C 103 4.00 14.36 -8.85
CA LYS C 103 3.44 15.69 -8.64
C LYS C 103 3.94 16.35 -7.36
N TYR C 104 4.22 15.53 -6.34
CA TYR C 104 4.66 16.08 -5.08
C TYR C 104 6.17 15.94 -4.78
N SER C 105 6.99 15.61 -5.79
CA SER C 105 8.43 15.52 -5.57
C SER C 105 9.01 16.90 -5.31
N VAL C 106 9.89 16.99 -4.33
CA VAL C 106 10.50 18.27 -3.98
C VAL C 106 12.02 18.13 -3.85
N ALA C 107 12.52 16.93 -4.12
CA ALA C 107 13.97 16.70 -4.03
C ALA C 107 14.46 15.74 -5.13
N ASN C 108 15.74 15.80 -5.42
CA ASN C 108 16.31 14.91 -6.40
C ASN C 108 17.78 14.81 -6.11
N ASP C 109 18.42 13.76 -6.58
CA ASP C 109 19.87 13.71 -6.43
C ASP C 109 20.49 12.94 -7.57
N THR C 110 21.77 13.19 -7.77
CA THR C 110 22.51 12.58 -8.85
C THR C 110 23.61 11.69 -8.31
N GLY C 111 23.26 10.89 -7.31
CA GLY C 111 24.20 9.98 -6.72
C GLY C 111 24.62 10.39 -5.32
N PHE C 112 25.76 9.87 -4.88
CA PHE C 112 26.24 10.16 -3.53
C PHE C 112 27.76 10.10 -3.45
N VAL C 113 28.28 10.54 -2.31
CA VAL C 113 29.70 10.54 -2.07
C VAL C 113 30.00 9.82 -0.77
N ASP C 114 30.87 8.81 -0.80
CA ASP C 114 31.26 8.10 0.42
C ASP C 114 32.57 8.70 0.94
N ILE C 115 32.53 9.24 2.15
CA ILE C 115 33.70 9.85 2.77
C ILE C 115 34.74 8.82 3.25
N PRO C 116 36.04 9.15 3.13
CA PRO C 116 37.10 8.23 3.57
C PRO C 116 36.85 7.91 5.04
N LYS C 117 37.24 6.71 5.49
CA LYS C 117 36.98 6.32 6.87
C LYS C 117 37.91 6.88 7.95
N GLN C 118 37.94 8.20 8.09
CA GLN C 118 38.75 8.87 9.11
C GLN C 118 38.02 10.07 9.66
N GLU C 119 38.05 10.24 10.98
CA GLU C 119 37.37 11.39 11.57
C GLU C 119 37.85 12.70 10.93
N LYS C 120 39.09 12.71 10.45
CA LYS C 120 39.66 13.88 9.80
C LYS C 120 38.85 14.23 8.54
N ALA C 121 38.60 13.23 7.71
CA ALA C 121 37.85 13.45 6.48
C ALA C 121 36.38 13.80 6.81
N LEU C 122 35.82 13.17 7.83
CA LEU C 122 34.45 13.49 8.21
C LEU C 122 34.38 14.94 8.70
N MET C 123 35.40 15.36 9.44
CA MET C 123 35.40 16.73 9.91
C MET C 123 35.42 17.68 8.72
N LYS C 124 36.26 17.39 7.74
CA LYS C 124 36.34 18.24 6.56
C LYS C 124 35.00 18.25 5.80
N ALA C 125 34.39 17.08 5.68
CA ALA C 125 33.11 16.98 5.02
C ALA C 125 32.06 17.79 5.78
N VAL C 126 32.00 17.64 7.10
CA VAL C 126 31.02 18.42 7.86
C VAL C 126 31.26 19.94 7.72
N ALA C 127 32.53 20.33 7.73
CA ALA C 127 32.85 21.76 7.62
C ALA C 127 32.51 22.36 6.26
N THR C 128 32.63 21.60 5.19
CA THR C 128 32.40 22.17 3.87
C THR C 128 31.14 21.72 3.10
N VAL C 129 30.51 20.63 3.51
CA VAL C 129 29.35 20.15 2.76
C VAL C 129 27.99 20.44 3.39
N GLY C 130 27.87 20.14 4.68
CA GLY C 130 26.60 20.33 5.38
C GLY C 130 26.43 19.08 6.24
N PRO C 131 25.21 18.76 6.70
CA PRO C 131 24.94 17.57 7.52
C PRO C 131 25.31 16.30 6.74
N ILE C 132 25.96 15.36 7.43
CA ILE C 132 26.41 14.11 6.84
C ILE C 132 25.70 12.91 7.43
N SER C 133 25.30 11.96 6.59
CA SER C 133 24.72 10.75 7.12
C SER C 133 25.87 9.88 7.63
N VAL C 134 25.70 9.28 8.80
CA VAL C 134 26.70 8.40 9.38
C VAL C 134 26.01 7.25 10.10
N ALA C 135 26.75 6.19 10.37
CA ALA C 135 26.20 5.09 11.15
C ALA C 135 27.06 4.91 12.41
N ILE C 136 26.42 4.60 13.53
CA ILE C 136 27.13 4.44 14.80
C ILE C 136 26.70 3.19 15.52
N ASP C 137 27.52 2.77 16.47
CA ASP C 137 27.20 1.62 17.31
C ASP C 137 26.26 2.12 18.41
N ALA C 138 24.97 1.88 18.23
CA ALA C 138 23.97 2.28 19.23
C ALA C 138 23.51 1.04 20.00
N GLY C 139 24.36 0.00 19.94
CA GLY C 139 24.06 -1.26 20.58
C GLY C 139 24.16 -1.40 22.09
N HIS C 140 23.99 -0.32 22.84
CA HIS C 140 24.10 -0.42 24.30
C HIS C 140 22.98 0.30 25.05
N GLU C 141 22.60 -0.20 26.23
CA GLU C 141 21.55 0.49 26.93
C GLU C 141 21.97 1.92 27.28
N SER C 142 23.28 2.17 27.42
CA SER C 142 23.71 3.53 27.73
C SER C 142 23.26 4.49 26.62
N PHE C 143 23.17 4.00 25.38
CA PHE C 143 22.74 4.91 24.32
C PHE C 143 21.22 5.12 24.41
N LEU C 144 20.51 4.05 24.75
CA LEU C 144 19.08 4.15 24.85
C LEU C 144 18.67 5.14 25.96
N PHE C 145 19.42 5.15 27.05
CA PHE C 145 19.10 5.99 28.21
C PHE C 145 19.82 7.33 28.22
N TYR C 146 20.53 7.65 27.15
CA TYR C 146 21.25 8.92 27.08
C TYR C 146 20.35 10.11 27.32
N LYS C 147 20.80 11.07 28.13
CA LYS C 147 20.01 12.27 28.41
C LYS C 147 20.74 13.58 28.06
N GLU C 148 21.98 13.70 28.51
CA GLU C 148 22.78 14.90 28.26
C GLU C 148 24.27 14.66 28.49
N GLY C 149 25.10 15.59 28.01
CA GLY C 149 26.54 15.49 28.13
C GLY C 149 27.20 14.84 26.92
N ILE C 150 28.51 14.58 26.99
CA ILE C 150 29.20 13.93 25.88
C ILE C 150 29.12 12.41 26.04
N TYR C 151 28.47 11.77 25.06
CA TYR C 151 28.32 10.33 25.12
C TYR C 151 29.58 9.59 24.79
N PHE C 152 29.99 8.78 25.75
CA PHE C 152 31.16 7.98 25.57
C PHE C 152 30.89 6.61 26.17
N GLU C 153 30.90 5.61 25.31
CA GLU C 153 30.64 4.24 25.75
C GLU C 153 31.91 3.40 25.57
N PRO C 154 32.58 3.05 26.69
CA PRO C 154 33.80 2.25 26.62
C PRO C 154 33.62 0.93 25.86
N ASP C 155 32.39 0.43 25.83
CA ASP C 155 32.09 -0.84 25.19
C ASP C 155 31.77 -0.70 23.69
N CYS C 156 31.83 0.53 23.18
CA CYS C 156 31.53 0.80 21.77
C CYS C 156 32.58 0.25 20.81
N SER C 157 32.12 -0.15 19.63
CA SER C 157 32.99 -0.65 18.59
C SER C 157 32.88 0.26 17.36
N SER C 158 33.89 0.23 16.50
CA SER C 158 33.88 1.03 15.29
C SER C 158 33.63 0.12 14.08
N GLU C 159 33.28 -1.13 14.37
CA GLU C 159 33.06 -2.12 13.34
C GLU C 159 31.62 -2.66 13.19
N ASP C 160 30.81 -2.62 14.25
CA ASP C 160 29.45 -3.15 14.12
C ASP C 160 28.33 -2.09 14.20
N MET C 161 28.58 -0.93 13.58
CA MET C 161 27.57 0.13 13.59
C MET C 161 26.19 -0.41 13.18
N ASP C 162 25.16 -0.06 13.95
CA ASP C 162 23.82 -0.55 13.69
C ASP C 162 22.76 0.56 13.66
N HIS C 163 23.17 1.83 13.71
CA HIS C 163 22.16 2.88 13.72
C HIS C 163 22.56 4.09 12.88
N GLY C 164 21.76 4.38 11.87
CA GLY C 164 22.01 5.53 11.01
C GLY C 164 21.50 6.81 11.65
N VAL C 165 22.33 7.85 11.65
CA VAL C 165 22.00 9.16 12.21
C VAL C 165 22.58 10.27 11.36
N LEU C 166 22.50 11.51 11.84
CA LEU C 166 22.96 12.64 11.05
C LEU C 166 23.89 13.55 11.84
N VAL C 167 25.12 13.71 11.38
CA VAL C 167 26.06 14.64 12.03
C VAL C 167 25.77 16.02 11.48
N VAL C 168 25.33 16.93 12.34
CA VAL C 168 25.00 18.29 11.91
C VAL C 168 26.12 19.27 12.28
N GLY C 169 27.12 18.80 13.02
CA GLY C 169 28.20 19.70 13.38
C GLY C 169 29.19 19.04 14.31
N TYR C 170 30.05 19.85 14.90
CA TYR C 170 31.04 19.38 15.86
C TYR C 170 31.54 20.56 16.68
N GLY C 171 32.09 20.29 17.84
CA GLY C 171 32.55 21.39 18.67
C GLY C 171 33.30 20.93 19.89
N PHE C 172 33.45 21.83 20.86
CA PHE C 172 34.16 21.51 22.09
C PHE C 172 33.59 22.29 23.26
N GLU C 173 33.95 21.85 24.46
CA GLU C 173 33.51 22.52 25.67
C GLU C 173 34.72 23.13 26.39
N SER C 174 34.46 23.99 27.37
CA SER C 174 35.55 24.63 28.11
C SER C 174 35.96 23.87 29.39
N ASN C 180 37.13 16.74 25.43
CA ASN C 180 36.07 17.74 25.52
C ASN C 180 35.42 18.03 24.14
N LYS C 181 35.88 17.33 23.10
CA LYS C 181 35.36 17.50 21.74
C LYS C 181 34.25 16.49 21.43
N TYR C 182 33.31 16.89 20.58
CA TYR C 182 32.20 16.02 20.24
C TYR C 182 31.59 16.33 18.87
N TRP C 183 30.89 15.33 18.34
CA TRP C 183 30.14 15.48 17.13
C TRP C 183 28.71 15.80 17.55
N LEU C 184 28.07 16.76 16.89
CA LEU C 184 26.69 17.11 17.18
C LEU C 184 25.81 16.22 16.30
N VAL C 185 25.09 15.31 16.92
CA VAL C 185 24.29 14.34 16.17
C VAL C 185 22.78 14.45 16.37
N LYS C 186 22.07 14.47 15.25
CA LYS C 186 20.63 14.50 15.28
C LYS C 186 20.15 13.04 15.15
N ASN C 187 19.37 12.58 16.12
CA ASN C 187 18.82 11.22 16.11
C ASN C 187 17.38 11.27 15.56
N SER C 188 16.75 10.13 15.36
CA SER C 188 15.38 10.06 14.86
C SER C 188 14.48 9.28 15.82
N TRP C 189 14.69 9.52 17.11
CA TRP C 189 13.91 8.86 18.14
C TRP C 189 13.00 9.85 18.90
N GLY C 190 12.67 10.97 18.26
CA GLY C 190 11.82 11.95 18.92
C GLY C 190 12.61 12.83 19.87
N GLU C 191 11.97 13.85 20.41
CA GLU C 191 12.70 14.74 21.30
C GLU C 191 12.70 14.32 22.77
N GLU C 192 12.00 13.24 23.11
CA GLU C 192 12.02 12.76 24.49
C GLU C 192 13.29 11.93 24.76
N TRP C 193 14.09 11.75 23.73
CA TRP C 193 15.35 11.02 23.87
C TRP C 193 16.51 12.03 23.86
N GLY C 194 17.52 11.80 24.70
CA GLY C 194 18.69 12.68 24.75
C GLY C 194 18.42 14.16 24.97
N MET C 195 19.17 15.02 24.29
CA MET C 195 18.97 16.45 24.41
C MET C 195 17.98 16.92 23.36
N GLY C 196 16.70 16.81 23.66
CA GLY C 196 15.70 17.22 22.71
C GLY C 196 15.83 16.46 21.39
N GLY C 197 16.40 15.27 21.45
CA GLY C 197 16.54 14.49 20.23
C GLY C 197 17.95 14.41 19.70
N TYR C 198 18.83 15.24 20.27
CA TYR C 198 20.23 15.29 19.89
C TYR C 198 21.15 14.60 20.88
N VAL C 199 22.35 14.27 20.41
CA VAL C 199 23.36 13.66 21.26
C VAL C 199 24.77 14.16 20.90
N LYS C 200 25.57 14.47 21.91
CA LYS C 200 26.94 14.89 21.67
C LYS C 200 27.84 13.66 21.75
N MET C 201 28.36 13.20 20.63
CA MET C 201 29.19 12.01 20.70
C MET C 201 30.69 12.31 20.68
N ALA C 202 31.42 11.56 21.51
CA ALA C 202 32.86 11.70 21.65
C ALA C 202 33.54 11.82 20.29
N LYS C 203 34.29 12.92 20.11
CA LYS C 203 35.01 13.19 18.86
C LYS C 203 36.53 13.11 19.07
N ASP C 204 37.22 12.53 18.08
CA ASP C 204 38.67 12.37 18.13
C ASP C 204 39.15 11.45 19.26
N ARG C 205 38.39 10.39 19.48
CA ARG C 205 38.69 9.39 20.49
C ARG C 205 38.78 8.05 19.77
N ARG C 206 39.54 8.03 18.68
CA ARG C 206 39.73 6.82 17.88
C ARG C 206 38.43 6.39 17.19
N ASN C 207 37.78 7.32 16.49
CA ASN C 207 36.56 6.99 15.77
C ASN C 207 35.56 6.24 16.67
N HIS C 208 35.23 6.86 17.81
CA HIS C 208 34.34 6.29 18.81
C HIS C 208 32.99 5.84 18.20
N CYS C 209 32.68 4.56 18.39
CA CYS C 209 31.46 3.93 17.90
C CYS C 209 31.38 3.90 16.36
N GLY C 210 32.53 4.13 15.71
CA GLY C 210 32.59 4.12 14.25
C GLY C 210 31.84 5.20 13.48
N ILE C 211 31.74 6.40 14.05
CA ILE C 211 31.04 7.53 13.42
C ILE C 211 31.57 7.90 12.03
N ALA C 212 32.86 7.67 11.80
CA ALA C 212 33.48 8.01 10.51
C ALA C 212 33.56 6.84 9.48
N SER C 213 33.16 5.64 9.88
CA SER C 213 33.27 4.45 9.03
C SER C 213 32.23 4.24 7.89
N ALA C 214 31.08 4.89 7.97
CA ALA C 214 30.07 4.77 6.92
C ALA C 214 29.40 6.12 6.77
N ALA C 215 30.21 7.11 6.48
CA ALA C 215 29.74 8.47 6.34
C ALA C 215 29.54 8.84 4.87
N SER C 216 28.41 9.45 4.53
CA SER C 216 28.18 9.86 3.14
C SER C 216 27.15 10.97 3.02
N TYR C 217 27.03 11.52 1.81
CA TYR C 217 26.04 12.54 1.51
C TYR C 217 25.63 12.50 0.06
N PRO C 218 24.42 12.97 -0.24
CA PRO C 218 23.95 12.95 -1.62
C PRO C 218 24.45 14.14 -2.46
N THR C 219 24.61 13.89 -3.76
CA THR C 219 25.02 14.91 -4.70
C THR C 219 23.78 15.60 -5.29
N VAL C 220 23.62 16.88 -4.98
CA VAL C 220 22.47 17.63 -5.48
C VAL C 220 22.91 18.78 -6.38
N ALA D 1 -47.26 -5.18 -1.60
CA ALA D 1 -46.20 -4.12 -1.60
C ALA D 1 -46.76 -2.76 -2.08
N PRO D 2 -46.30 -1.66 -1.46
CA PRO D 2 -46.74 -0.30 -1.81
C PRO D 2 -46.39 0.11 -3.25
N ARG D 3 -47.20 1.03 -3.77
CA ARG D 3 -47.05 1.58 -5.12
C ARG D 3 -45.71 2.34 -5.27
N SER D 4 -45.29 2.99 -4.19
CA SER D 4 -44.04 3.76 -4.21
C SER D 4 -43.18 3.55 -2.95
N VAL D 5 -41.86 3.56 -3.13
CA VAL D 5 -40.89 3.41 -2.05
C VAL D 5 -39.63 4.22 -2.36
N ASP D 6 -39.14 4.97 -1.38
CA ASP D 6 -37.93 5.76 -1.57
C ASP D 6 -37.23 5.89 -0.23
N TRP D 7 -36.12 5.17 -0.04
CA TRP D 7 -35.41 5.19 1.25
C TRP D 7 -34.65 6.47 1.57
N ARG D 8 -34.45 7.37 0.62
CA ARG D 8 -33.81 8.63 0.97
C ARG D 8 -34.73 9.40 1.95
N GLU D 9 -36.04 9.17 1.80
CA GLU D 9 -37.07 9.80 2.64
C GLU D 9 -36.83 9.54 4.14
N LYS D 10 -36.14 8.43 4.45
CA LYS D 10 -35.89 8.05 5.83
C LYS D 10 -34.42 8.17 6.28
N GLY D 11 -33.55 8.75 5.44
CA GLY D 11 -32.15 8.93 5.80
C GLY D 11 -31.21 7.72 5.72
N TYR D 12 -31.53 6.77 4.86
CA TYR D 12 -30.74 5.55 4.70
C TYR D 12 -29.57 5.71 3.69
N VAL D 13 -29.58 6.81 2.93
CA VAL D 13 -28.60 6.96 1.86
C VAL D 13 -27.58 8.11 2.01
N THR D 14 -26.29 7.79 1.85
CA THR D 14 -25.24 8.83 1.89
C THR D 14 -25.25 9.58 0.55
N PRO D 15 -24.52 10.71 0.46
CA PRO D 15 -24.49 11.45 -0.80
C PRO D 15 -23.87 10.62 -1.94
N VAL D 16 -24.10 11.03 -3.18
CA VAL D 16 -23.55 10.34 -4.32
C VAL D 16 -21.99 10.39 -4.32
N LYS D 17 -21.36 9.25 -4.58
CA LYS D 17 -19.92 9.17 -4.65
C LYS D 17 -19.46 8.98 -6.11
N ASN D 18 -18.15 8.99 -6.32
CA ASN D 18 -17.58 8.86 -7.67
C ASN D 18 -16.38 7.92 -7.69
N GLN D 19 -16.55 6.79 -8.36
CA GLN D 19 -15.52 5.76 -8.43
C GLN D 19 -14.34 6.13 -9.35
N GLY D 20 -14.52 7.15 -10.19
CA GLY D 20 -13.45 7.55 -11.08
C GLY D 20 -13.07 6.47 -12.08
N GLN D 21 -11.85 6.59 -12.61
CA GLN D 21 -11.36 5.63 -13.58
C GLN D 21 -10.79 4.38 -12.91
N CYS D 22 -11.66 3.67 -12.22
CA CYS D 22 -11.31 2.43 -11.50
C CYS D 22 -12.57 1.55 -11.51
N GLY D 23 -12.42 0.27 -11.86
CA GLY D 23 -13.56 -0.64 -11.90
C GLY D 23 -13.97 -1.11 -10.52
N SER D 24 -14.28 -0.16 -9.64
CA SER D 24 -14.66 -0.43 -8.24
C SER D 24 -16.16 -0.26 -7.93
N CYS D 25 -17.00 -0.27 -8.96
CA CYS D 25 -18.44 -0.10 -8.74
C CYS D 25 -19.03 -1.10 -7.74
N TRP D 26 -18.50 -2.32 -7.76
CA TRP D 26 -18.95 -3.36 -6.85
C TRP D 26 -18.75 -2.95 -5.39
N ALA D 27 -17.67 -2.22 -5.12
CA ALA D 27 -17.38 -1.73 -3.78
C ALA D 27 -18.34 -0.62 -3.37
N PHE D 28 -18.70 0.28 -4.29
CA PHE D 28 -19.64 1.35 -3.97
C PHE D 28 -21.07 0.82 -3.78
N SER D 29 -21.42 -0.19 -4.55
CA SER D 29 -22.74 -0.78 -4.39
C SER D 29 -22.81 -1.46 -3.00
N ALA D 30 -21.74 -2.15 -2.64
CA ALA D 30 -21.66 -2.84 -1.36
C ALA D 30 -21.69 -1.85 -0.19
N THR D 31 -20.85 -0.81 -0.20
CA THR D 31 -20.91 0.16 0.90
C THR D 31 -22.29 0.80 0.99
N GLY D 32 -22.89 1.09 -0.17
CA GLY D 32 -24.22 1.66 -0.21
C GLY D 32 -25.23 0.78 0.51
N ALA D 33 -25.23 -0.52 0.21
CA ALA D 33 -26.18 -1.42 0.88
C ALA D 33 -25.85 -1.55 2.38
N LEU D 34 -24.56 -1.59 2.72
CA LEU D 34 -24.14 -1.72 4.14
C LEU D 34 -24.45 -0.44 4.92
N GLU D 35 -24.29 0.71 4.26
CA GLU D 35 -24.63 1.97 4.88
C GLU D 35 -26.09 1.94 5.31
N GLY D 36 -26.94 1.46 4.41
CA GLY D 36 -28.37 1.36 4.67
C GLY D 36 -28.75 0.37 5.77
N GLN D 37 -28.14 -0.81 5.78
CA GLN D 37 -28.48 -1.80 6.81
C GLN D 37 -27.93 -1.40 8.19
N MET D 38 -26.76 -0.77 8.20
CA MET D 38 -26.20 -0.29 9.44
C MET D 38 -27.12 0.81 10.00
N PHE D 39 -27.62 1.67 9.12
CA PHE D 39 -28.52 2.73 9.57
C PHE D 39 -29.81 2.14 10.17
N ARG D 40 -30.37 1.15 9.48
CA ARG D 40 -31.59 0.51 9.94
C ARG D 40 -31.40 -0.06 11.36
N LYS D 41 -30.20 -0.58 11.64
CA LYS D 41 -29.89 -1.19 12.93
C LYS D 41 -29.44 -0.21 14.03
N THR D 42 -28.71 0.84 13.68
CA THR D 42 -28.21 1.73 14.72
C THR D 42 -28.78 3.15 14.67
N GLY D 43 -29.47 3.50 13.60
CA GLY D 43 -30.02 4.84 13.48
C GLY D 43 -28.96 5.86 13.11
N ARG D 44 -27.75 5.40 12.89
CA ARG D 44 -26.65 6.29 12.51
C ARG D 44 -26.16 6.00 11.07
N LEU D 45 -26.11 7.05 10.25
CA LEU D 45 -25.66 6.94 8.87
C LEU D 45 -24.19 7.35 8.79
N ILE D 46 -23.32 6.38 8.48
CA ILE D 46 -21.89 6.63 8.38
C ILE D 46 -21.35 6.15 7.02
N SER D 47 -20.69 7.05 6.28
CA SER D 47 -20.10 6.68 4.99
C SER D 47 -18.95 5.66 5.18
N LEU D 48 -19.02 4.55 4.43
CA LEU D 48 -18.05 3.47 4.53
C LEU D 48 -16.96 3.53 3.47
N SER D 49 -15.83 2.92 3.77
CA SER D 49 -14.66 2.95 2.89
C SER D 49 -14.62 1.95 1.73
N GLU D 50 -14.79 2.45 0.51
CA GLU D 50 -14.70 1.57 -0.66
C GLU D 50 -13.24 1.15 -0.87
N GLN D 51 -12.31 2.05 -0.53
CA GLN D 51 -10.88 1.72 -0.69
C GLN D 51 -10.50 0.46 0.14
N ASN D 52 -11.05 0.35 1.35
CA ASN D 52 -10.79 -0.78 2.23
C ASN D 52 -11.16 -2.08 1.49
N LEU D 53 -12.29 -2.07 0.78
CA LEU D 53 -12.72 -3.25 -0.01
C LEU D 53 -11.80 -3.47 -1.20
N VAL D 54 -11.50 -2.40 -1.91
CA VAL D 54 -10.63 -2.51 -3.06
C VAL D 54 -9.25 -3.12 -2.72
N ASP D 55 -8.65 -2.64 -1.64
CA ASP D 55 -7.33 -3.12 -1.25
C ASP D 55 -7.31 -4.47 -0.54
N CYS D 56 -8.40 -4.82 0.14
CA CYS D 56 -8.34 -5.98 1.02
C CYS D 56 -9.21 -7.21 0.70
N SER D 57 -10.15 -7.11 -0.22
CA SER D 57 -11.04 -8.24 -0.47
C SER D 57 -10.58 -9.21 -1.60
N GLY D 58 -9.29 -9.21 -1.92
CA GLY D 58 -8.79 -10.12 -2.94
C GLY D 58 -9.00 -11.58 -2.53
N PRO D 59 -8.80 -11.92 -1.25
CA PRO D 59 -9.00 -13.33 -0.86
C PRO D 59 -10.42 -13.86 -1.16
N GLN D 60 -11.41 -12.98 -1.08
CA GLN D 60 -12.80 -13.37 -1.33
C GLN D 60 -13.10 -13.54 -2.84
N GLY D 61 -12.18 -13.06 -3.67
CA GLY D 61 -12.33 -13.17 -5.11
C GLY D 61 -12.39 -11.85 -5.87
N ASN D 62 -12.40 -10.72 -5.18
CA ASN D 62 -12.46 -9.45 -5.90
C ASN D 62 -11.12 -9.14 -6.55
N GLU D 63 -11.14 -8.25 -7.53
CA GLU D 63 -9.94 -7.90 -8.28
C GLU D 63 -9.66 -6.41 -8.30
N GLY D 64 -9.95 -5.74 -7.17
CA GLY D 64 -9.69 -4.30 -7.07
C GLY D 64 -10.29 -3.44 -8.16
N CYS D 65 -9.44 -2.67 -8.85
CA CYS D 65 -9.93 -1.79 -9.90
C CYS D 65 -10.24 -2.57 -11.18
N ASN D 66 -9.98 -3.88 -11.16
CA ASN D 66 -10.28 -4.71 -12.31
C ASN D 66 -11.64 -5.45 -12.20
N GLY D 67 -12.40 -5.13 -11.16
CA GLY D 67 -13.71 -5.73 -11.04
C GLY D 67 -13.96 -6.55 -9.78
N GLY D 68 -15.22 -6.90 -9.56
CA GLY D 68 -15.53 -7.67 -8.37
C GLY D 68 -17.01 -7.85 -8.22
N LEU D 69 -17.41 -8.35 -7.06
CA LEU D 69 -18.82 -8.60 -6.77
C LEU D 69 -19.23 -8.08 -5.41
N MET D 70 -20.42 -7.52 -5.32
CA MET D 70 -20.87 -7.06 -4.03
C MET D 70 -20.89 -8.22 -2.99
N ASP D 71 -21.30 -9.42 -3.38
CA ASP D 71 -21.34 -10.51 -2.41
C ASP D 71 -19.96 -10.85 -1.85
N TYR D 72 -18.95 -10.75 -2.71
CA TYR D 72 -17.58 -11.00 -2.24
C TYR D 72 -17.22 -9.92 -1.22
N ALA D 73 -17.69 -8.69 -1.45
CA ALA D 73 -17.41 -7.62 -0.48
C ALA D 73 -18.11 -7.88 0.86
N PHE D 74 -19.35 -8.36 0.83
CA PHE D 74 -20.06 -8.63 2.08
C PHE D 74 -19.37 -9.75 2.83
N GLN D 75 -18.89 -10.72 2.08
CA GLN D 75 -18.16 -11.83 2.65
C GLN D 75 -16.85 -11.32 3.29
N TYR D 76 -16.19 -10.35 2.65
CA TYR D 76 -14.97 -9.82 3.24
C TYR D 76 -15.25 -9.17 4.59
N VAL D 77 -16.27 -8.33 4.66
CA VAL D 77 -16.62 -7.66 5.90
C VAL D 77 -16.84 -8.68 7.05
N GLN D 78 -17.50 -9.76 6.70
CA GLN D 78 -17.82 -10.83 7.63
C GLN D 78 -16.54 -11.57 8.04
N ASP D 79 -15.73 -11.93 7.06
CA ASP D 79 -14.49 -12.69 7.30
C ASP D 79 -13.48 -11.84 8.07
N ASN D 80 -13.55 -10.53 7.82
CA ASN D 80 -12.62 -9.56 8.40
C ASN D 80 -12.99 -9.06 9.80
N GLY D 81 -14.26 -9.14 10.15
CA GLY D 81 -14.70 -8.66 11.45
C GLY D 81 -14.92 -7.17 11.47
N GLY D 82 -14.99 -6.54 10.30
CA GLY D 82 -15.19 -5.10 10.25
C GLY D 82 -14.86 -4.44 8.91
N LEU D 83 -15.21 -3.16 8.85
CA LEU D 83 -14.97 -2.31 7.69
C LEU D 83 -14.77 -0.85 8.20
N ASP D 84 -13.70 -0.20 7.75
CA ASP D 84 -13.41 1.18 8.18
C ASP D 84 -14.34 2.21 7.54
N SER D 85 -14.42 3.36 8.20
CA SER D 85 -15.26 4.42 7.71
C SER D 85 -14.60 5.08 6.51
N GLU D 86 -15.37 5.79 5.71
CA GLU D 86 -14.81 6.49 4.54
C GLU D 86 -13.80 7.53 5.05
N GLU D 87 -14.19 8.18 6.14
CA GLU D 87 -13.36 9.22 6.73
C GLU D 87 -11.96 8.72 7.08
N SER D 88 -11.86 7.56 7.72
CA SER D 88 -10.57 7.01 8.14
C SER D 88 -9.76 6.31 7.03
N TYR D 89 -10.42 5.85 5.97
CA TYR D 89 -9.74 5.13 4.90
C TYR D 89 -10.27 5.64 3.55
N PRO D 90 -9.90 6.88 3.19
CA PRO D 90 -10.25 7.65 1.98
C PRO D 90 -10.08 6.93 0.65
N TYR D 91 -10.92 7.31 -0.31
CA TYR D 91 -10.89 6.72 -1.64
C TYR D 91 -9.78 7.29 -2.54
N GLU D 92 -8.98 6.40 -3.13
CA GLU D 92 -7.87 6.80 -3.98
C GLU D 92 -7.99 6.33 -5.45
N ALA D 93 -9.07 5.60 -5.76
CA ALA D 93 -9.32 5.10 -7.11
C ALA D 93 -8.14 4.34 -7.75
N THR D 94 -7.41 3.58 -6.95
CA THR D 94 -6.31 2.77 -7.45
C THR D 94 -6.06 1.70 -6.39
N GLU D 95 -5.60 0.52 -6.78
CA GLU D 95 -5.39 -0.49 -5.76
C GLU D 95 -4.04 -0.32 -5.08
N GLU D 96 -4.04 -0.43 -3.76
CA GLU D 96 -2.81 -0.34 -3.00
C GLU D 96 -2.79 -1.50 -1.98
N SER D 97 -1.74 -1.61 -1.18
CA SER D 97 -1.69 -2.70 -0.22
C SER D 97 -2.76 -2.49 0.87
N CYS D 98 -3.25 -3.56 1.50
CA CYS D 98 -4.30 -3.41 2.52
C CYS D 98 -3.81 -2.64 3.79
N LYS D 99 -4.59 -1.64 4.22
CA LYS D 99 -4.29 -0.82 5.40
C LYS D 99 -5.46 -0.82 6.41
N TYR D 100 -6.28 -1.86 6.37
CA TYR D 100 -7.40 -1.92 7.30
C TYR D 100 -6.88 -1.77 8.76
N ASN D 101 -7.58 -0.96 9.52
CA ASN D 101 -7.25 -0.75 10.92
C ASN D 101 -8.52 -0.93 11.76
N PRO D 102 -8.59 -1.99 12.57
CA PRO D 102 -9.77 -2.22 13.39
C PRO D 102 -10.20 -1.05 14.29
N LYS D 103 -9.25 -0.19 14.66
CA LYS D 103 -9.60 0.95 15.50
C LYS D 103 -10.69 1.83 14.85
N TYR D 104 -10.70 1.89 13.52
CA TYR D 104 -11.67 2.73 12.83
C TYR D 104 -12.84 1.97 12.16
N SER D 105 -13.06 0.70 12.50
CA SER D 105 -14.19 -0.04 11.91
C SER D 105 -15.50 0.49 12.47
N VAL D 106 -16.47 0.73 11.58
CA VAL D 106 -17.77 1.25 11.99
C VAL D 106 -18.92 0.40 11.45
N ALA D 107 -18.59 -0.74 10.85
CA ALA D 107 -19.63 -1.63 10.33
C ALA D 107 -19.18 -3.09 10.37
N ASN D 108 -20.14 -3.97 10.31
CA ASN D 108 -19.85 -5.39 10.30
C ASN D 108 -21.03 -6.08 9.68
N ASP D 109 -20.85 -7.31 9.26
CA ASP D 109 -22.00 -8.05 8.77
C ASP D 109 -21.80 -9.52 9.02
N THR D 110 -22.90 -10.25 8.98
CA THR D 110 -22.85 -11.67 9.23
C THR D 110 -23.32 -12.46 8.02
N GLY D 111 -22.83 -12.03 6.86
CA GLY D 111 -23.20 -12.67 5.61
C GLY D 111 -24.09 -11.80 4.75
N PHE D 112 -24.78 -12.43 3.82
CA PHE D 112 -25.64 -11.69 2.88
C PHE D 112 -26.83 -12.54 2.42
N VAL D 113 -27.77 -11.88 1.76
CA VAL D 113 -28.93 -12.56 1.22
C VAL D 113 -29.07 -12.31 -0.27
N ASP D 114 -29.14 -13.37 -1.08
CA ASP D 114 -29.34 -13.20 -2.53
C ASP D 114 -30.84 -13.31 -2.83
N ILE D 115 -31.40 -12.25 -3.39
CA ILE D 115 -32.82 -12.19 -3.72
C ILE D 115 -33.17 -13.02 -4.95
N PRO D 116 -34.37 -13.64 -4.97
CA PRO D 116 -34.76 -14.45 -6.13
C PRO D 116 -34.74 -13.55 -7.37
N LYS D 117 -34.46 -14.13 -8.53
CA LYS D 117 -34.35 -13.36 -9.75
C LYS D 117 -35.66 -12.93 -10.42
N GLN D 118 -36.43 -12.13 -9.72
CA GLN D 118 -37.70 -11.60 -10.23
C GLN D 118 -37.91 -10.18 -9.73
N GLU D 119 -38.43 -9.31 -10.59
CA GLU D 119 -38.67 -7.93 -10.18
C GLU D 119 -39.60 -7.86 -8.97
N LYS D 120 -40.50 -8.83 -8.85
CA LYS D 120 -41.44 -8.85 -7.73
C LYS D 120 -40.72 -9.10 -6.40
N ALA D 121 -39.77 -10.03 -6.41
CA ALA D 121 -39.00 -10.31 -5.20
C ALA D 121 -38.13 -9.08 -4.86
N LEU D 122 -37.56 -8.46 -5.88
CA LEU D 122 -36.77 -7.26 -5.67
C LEU D 122 -37.66 -6.14 -5.10
N MET D 123 -38.87 -6.03 -5.62
CA MET D 123 -39.77 -5.00 -5.10
C MET D 123 -40.04 -5.25 -3.62
N LYS D 124 -40.33 -6.51 -3.27
CA LYS D 124 -40.59 -6.81 -1.87
C LYS D 124 -39.36 -6.52 -1.00
N ALA D 125 -38.19 -6.94 -1.48
CA ALA D 125 -36.95 -6.69 -0.75
C ALA D 125 -36.76 -5.19 -0.56
N VAL D 126 -36.89 -4.41 -1.64
CA VAL D 126 -36.74 -2.98 -1.52
C VAL D 126 -37.75 -2.38 -0.52
N ALA D 127 -38.98 -2.89 -0.53
CA ALA D 127 -40.01 -2.36 0.36
C ALA D 127 -39.76 -2.69 1.84
N THR D 128 -39.25 -3.88 2.12
CA THR D 128 -39.09 -4.28 3.51
C THR D 128 -37.67 -4.26 4.09
N VAL D 129 -36.65 -4.22 3.26
CA VAL D 129 -35.28 -4.25 3.79
C VAL D 129 -34.54 -2.92 3.79
N GLY D 130 -34.53 -2.24 2.66
CA GLY D 130 -33.80 -0.99 2.56
C GLY D 130 -33.14 -1.00 1.19
N PRO D 131 -32.10 -0.19 0.96
CA PRO D 131 -31.42 -0.17 -0.34
C PRO D 131 -30.83 -1.55 -0.66
N ILE D 132 -30.95 -1.94 -1.92
CA ILE D 132 -30.49 -3.24 -2.38
C ILE D 132 -29.36 -3.11 -3.41
N SER D 133 -28.32 -3.92 -3.27
CA SER D 133 -27.29 -3.90 -4.29
C SER D 133 -27.80 -4.69 -5.48
N VAL D 134 -27.56 -4.18 -6.68
CA VAL D 134 -27.98 -4.83 -7.91
C VAL D 134 -26.94 -4.61 -9.01
N ALA D 135 -27.01 -5.40 -10.07
CA ALA D 135 -26.14 -5.21 -11.21
C ALA D 135 -27.01 -5.02 -12.46
N ILE D 136 -26.62 -4.09 -13.30
CA ILE D 136 -27.37 -3.75 -14.51
C ILE D 136 -26.48 -3.78 -15.75
N ASP D 137 -27.11 -3.87 -16.91
CA ASP D 137 -26.38 -3.81 -18.16
C ASP D 137 -26.21 -2.31 -18.48
N ALA D 138 -25.02 -1.78 -18.20
CA ALA D 138 -24.71 -0.38 -18.46
C ALA D 138 -23.80 -0.28 -19.68
N GLY D 139 -23.85 -1.33 -20.49
CA GLY D 139 -23.02 -1.43 -21.67
C GLY D 139 -23.38 -0.64 -22.92
N HIS D 140 -24.07 0.48 -22.77
CA HIS D 140 -24.44 1.29 -23.93
C HIS D 140 -24.12 2.78 -23.77
N GLU D 141 -23.81 3.46 -24.87
CA GLU D 141 -23.54 4.88 -24.74
C GLU D 141 -24.75 5.63 -24.20
N SER D 142 -25.95 5.12 -24.44
CA SER D 142 -27.13 5.79 -23.91
C SER D 142 -27.08 5.83 -22.38
N PHE D 143 -26.42 4.86 -21.75
CA PHE D 143 -26.35 4.91 -20.29
C PHE D 143 -25.31 5.95 -19.85
N LEU D 144 -24.24 6.05 -20.61
CA LEU D 144 -23.19 6.98 -20.29
C LEU D 144 -23.70 8.44 -20.37
N PHE D 145 -24.53 8.69 -21.36
CA PHE D 145 -25.04 10.05 -21.62
C PHE D 145 -26.36 10.36 -20.93
N TYR D 146 -26.87 9.43 -20.14
CA TYR D 146 -28.13 9.64 -19.44
C TYR D 146 -28.15 10.94 -18.64
N LYS D 147 -29.24 11.70 -18.77
CA LYS D 147 -29.38 12.98 -18.07
C LYS D 147 -30.59 13.00 -17.13
N GLU D 148 -31.75 12.64 -17.67
CA GLU D 148 -32.98 12.62 -16.88
C GLU D 148 -34.09 11.81 -17.55
N GLY D 149 -35.15 11.52 -16.79
CA GLY D 149 -36.29 10.76 -17.29
C GLY D 149 -36.15 9.28 -16.98
N ILE D 150 -37.05 8.44 -17.51
CA ILE D 150 -36.98 7.00 -17.29
C ILE D 150 -36.10 6.35 -18.35
N TYR D 151 -35.01 5.78 -17.90
CA TYR D 151 -34.07 5.13 -18.79
C TYR D 151 -34.58 3.80 -19.29
N PHE D 152 -34.64 3.69 -20.59
CA PHE D 152 -35.07 2.47 -21.21
C PHE D 152 -34.23 2.26 -22.47
N GLU D 153 -33.44 1.20 -22.47
CA GLU D 153 -32.59 0.89 -23.61
C GLU D 153 -33.08 -0.36 -24.31
N PRO D 154 -33.69 -0.20 -25.50
CA PRO D 154 -34.20 -1.37 -26.24
C PRO D 154 -33.12 -2.45 -26.44
N ASP D 155 -31.87 -2.02 -26.50
CA ASP D 155 -30.75 -2.92 -26.74
C ASP D 155 -30.20 -3.57 -25.44
N CYS D 156 -30.81 -3.25 -24.30
CA CYS D 156 -30.37 -3.79 -23.01
C CYS D 156 -30.59 -5.29 -22.88
N SER D 157 -29.69 -5.93 -22.14
CA SER D 157 -29.74 -7.36 -21.88
C SER D 157 -29.96 -7.63 -20.37
N SER D 158 -30.56 -8.78 -20.06
CA SER D 158 -30.79 -9.16 -18.68
C SER D 158 -29.81 -10.26 -18.27
N GLU D 159 -28.87 -10.56 -19.17
CA GLU D 159 -27.88 -11.61 -18.93
C GLU D 159 -26.42 -11.12 -18.95
N ASP D 160 -26.16 -9.89 -19.36
CA ASP D 160 -24.77 -9.45 -19.38
C ASP D 160 -24.49 -8.24 -18.47
N MET D 161 -25.16 -8.19 -17.33
CA MET D 161 -24.97 -7.07 -16.42
C MET D 161 -23.48 -6.83 -16.15
N ASP D 162 -23.05 -5.57 -16.27
CA ASP D 162 -21.64 -5.24 -16.08
C ASP D 162 -21.43 -4.08 -15.10
N HIS D 163 -22.47 -3.63 -14.41
CA HIS D 163 -22.28 -2.50 -13.51
C HIS D 163 -23.11 -2.61 -12.24
N GLY D 164 -22.41 -2.61 -11.11
CA GLY D 164 -23.10 -2.68 -9.83
C GLY D 164 -23.59 -1.31 -9.38
N VAL D 165 -24.84 -1.23 -8.93
CA VAL D 165 -25.41 0.01 -8.47
C VAL D 165 -26.30 -0.24 -7.25
N LEU D 166 -27.08 0.77 -6.84
CA LEU D 166 -27.89 0.61 -5.65
C LEU D 166 -29.32 1.05 -5.87
N VAL D 167 -30.26 0.13 -5.65
CA VAL D 167 -31.68 0.49 -5.77
C VAL D 167 -32.11 1.06 -4.42
N VAL D 168 -32.50 2.33 -4.41
CA VAL D 168 -32.91 2.98 -3.17
C VAL D 168 -34.43 3.10 -3.08
N GLY D 169 -35.12 2.68 -4.12
CA GLY D 169 -36.58 2.76 -4.10
C GLY D 169 -37.19 2.46 -5.44
N TYR D 170 -38.48 2.77 -5.58
CA TYR D 170 -39.20 2.59 -6.83
C TYR D 170 -40.47 3.44 -6.78
N GLY D 171 -41.07 3.68 -7.93
CA GLY D 171 -42.27 4.51 -7.95
C GLY D 171 -42.83 4.63 -9.34
N PHE D 172 -43.65 5.66 -9.55
CA PHE D 172 -44.26 5.85 -10.85
C PHE D 172 -44.56 7.30 -11.09
N GLU D 173 -44.74 7.64 -12.36
CA GLU D 173 -45.06 8.99 -12.75
C GLU D 173 -46.56 9.09 -13.11
N SER D 174 -47.12 10.29 -13.03
CA SER D 174 -48.53 10.48 -13.37
C SER D 174 -48.94 9.73 -14.65
N ASN D 180 -44.75 3.78 -17.06
CA ASN D 180 -44.52 4.95 -16.22
C ASN D 180 -43.86 4.59 -14.88
N LYS D 181 -43.56 3.29 -14.68
CA LYS D 181 -42.92 2.80 -13.46
C LYS D 181 -41.38 2.69 -13.58
N TYR D 182 -40.69 2.93 -12.48
CA TYR D 182 -39.23 2.88 -12.49
C TYR D 182 -38.60 2.55 -11.13
N TRP D 183 -37.37 2.07 -11.21
CA TRP D 183 -36.59 1.81 -10.02
C TRP D 183 -35.73 3.06 -9.81
N LEU D 184 -35.62 3.51 -8.58
CA LEU D 184 -34.79 4.66 -8.26
C LEU D 184 -33.38 4.13 -7.95
N VAL D 185 -32.43 4.46 -8.82
CA VAL D 185 -31.06 3.94 -8.69
C VAL D 185 -29.99 4.97 -8.42
N LYS D 186 -29.19 4.69 -7.39
CA LYS D 186 -28.08 5.54 -7.05
C LYS D 186 -26.82 4.95 -7.74
N ASN D 187 -26.17 5.75 -8.57
CA ASN D 187 -24.97 5.34 -9.29
C ASN D 187 -23.73 5.84 -8.54
N SER D 188 -22.54 5.45 -8.97
CA SER D 188 -21.33 5.89 -8.31
C SER D 188 -20.40 6.60 -9.30
N TRP D 189 -20.99 7.44 -10.13
CA TRP D 189 -20.23 8.18 -11.13
C TRP D 189 -20.23 9.68 -10.86
N GLY D 190 -20.47 10.07 -9.61
CA GLY D 190 -20.50 11.50 -9.29
C GLY D 190 -21.86 12.09 -9.63
N GLU D 191 -22.11 13.33 -9.23
CA GLU D 191 -23.41 13.90 -9.52
C GLU D 191 -23.51 14.62 -10.86
N GLU D 192 -22.41 14.66 -11.62
CA GLU D 192 -22.43 15.29 -12.95
C GLU D 192 -23.04 14.30 -13.98
N TRP D 193 -23.34 13.10 -13.52
CA TRP D 193 -23.95 12.09 -14.37
C TRP D 193 -25.44 11.96 -14.00
N GLY D 194 -26.32 11.76 -15.01
CA GLY D 194 -27.74 11.61 -14.75
C GLY D 194 -28.44 12.68 -13.93
N MET D 195 -29.34 12.27 -13.04
CA MET D 195 -30.05 13.20 -12.19
C MET D 195 -29.31 13.40 -10.88
N GLY D 196 -28.26 14.23 -10.93
CA GLY D 196 -27.46 14.46 -9.76
C GLY D 196 -26.81 13.17 -9.25
N GLY D 197 -26.63 12.20 -10.16
CA GLY D 197 -25.99 10.97 -9.77
C GLY D 197 -26.93 9.79 -9.77
N TYR D 198 -28.23 10.08 -9.89
CA TYR D 198 -29.27 9.05 -9.92
C TYR D 198 -29.85 8.78 -11.29
N VAL D 199 -30.50 7.63 -11.42
CA VAL D 199 -31.14 7.25 -12.67
C VAL D 199 -32.46 6.48 -12.44
N LYS D 200 -33.50 6.85 -13.18
CA LYS D 200 -34.76 6.12 -13.10
C LYS D 200 -34.73 4.97 -14.09
N MET D 201 -34.59 3.77 -13.58
CA MET D 201 -34.52 2.60 -14.44
C MET D 201 -35.93 2.02 -14.73
N ALA D 202 -36.23 1.75 -15.99
CA ALA D 202 -37.53 1.18 -16.36
C ALA D 202 -37.86 0.00 -15.44
N LYS D 203 -39.04 0.03 -14.82
CA LYS D 203 -39.48 -1.03 -13.92
C LYS D 203 -40.70 -1.79 -14.46
N ASP D 204 -40.72 -3.10 -14.18
CA ASP D 204 -41.80 -3.97 -14.61
C ASP D 204 -41.93 -4.02 -16.13
N ARG D 205 -40.78 -4.03 -16.81
CA ARG D 205 -40.70 -4.10 -18.26
C ARG D 205 -39.84 -5.31 -18.62
N ARG D 206 -40.15 -6.44 -17.98
CA ARG D 206 -39.44 -7.68 -18.21
C ARG D 206 -37.98 -7.65 -17.74
N ASN D 207 -37.79 -7.26 -16.48
CA ASN D 207 -36.45 -7.21 -15.88
C ASN D 207 -35.45 -6.50 -16.79
N HIS D 208 -35.79 -5.26 -17.15
CA HIS D 208 -34.97 -4.45 -18.06
C HIS D 208 -33.54 -4.25 -17.56
N CYS D 209 -32.59 -4.62 -18.42
CA CYS D 209 -31.16 -4.54 -18.15
C CYS D 209 -30.73 -5.46 -16.99
N GLY D 210 -31.58 -6.44 -16.67
CA GLY D 210 -31.29 -7.40 -15.61
C GLY D 210 -31.17 -6.91 -14.18
N ILE D 211 -31.94 -5.87 -13.83
CA ILE D 211 -31.91 -5.28 -12.48
C ILE D 211 -32.21 -6.27 -11.35
N ALA D 212 -33.06 -7.26 -11.61
CA ALA D 212 -33.42 -8.23 -10.56
C ALA D 212 -32.60 -9.54 -10.57
N SER D 213 -31.68 -9.67 -11.52
CA SER D 213 -30.91 -10.90 -11.67
C SER D 213 -29.72 -11.12 -10.72
N ALA D 214 -29.21 -10.06 -10.13
CA ALA D 214 -28.11 -10.20 -9.17
C ALA D 214 -28.29 -9.22 -8.04
N ALA D 215 -29.43 -9.32 -7.37
CA ALA D 215 -29.74 -8.41 -6.29
C ALA D 215 -29.46 -9.05 -4.93
N SER D 216 -28.84 -8.30 -4.03
CA SER D 216 -28.56 -8.85 -2.70
C SER D 216 -28.35 -7.74 -1.67
N TYR D 217 -28.29 -8.11 -0.40
CA TYR D 217 -28.04 -7.17 0.68
C TYR D 217 -27.34 -7.89 1.83
N PRO D 218 -26.56 -7.14 2.62
CA PRO D 218 -25.84 -7.73 3.75
C PRO D 218 -26.71 -7.93 5.01
N THR D 219 -26.39 -8.96 5.78
CA THR D 219 -27.11 -9.25 7.02
C THR D 219 -26.39 -8.55 8.20
N VAL D 220 -27.05 -7.57 8.81
CA VAL D 220 -26.45 -6.85 9.94
C VAL D 220 -27.23 -7.07 11.23
N ALA E 1 -8.64 37.61 -38.42
CA ALA E 1 -9.81 36.66 -38.51
C ALA E 1 -11.02 37.25 -37.80
N PRO E 2 -12.23 36.80 -38.18
CA PRO E 2 -13.49 37.29 -37.61
C PRO E 2 -13.54 37.00 -36.10
N ARG E 3 -14.38 37.74 -35.39
CA ARG E 3 -14.55 37.54 -33.95
C ARG E 3 -15.23 36.18 -33.68
N SER E 4 -16.06 35.76 -34.65
CA SER E 4 -16.79 34.49 -34.55
C SER E 4 -17.00 33.80 -35.90
N VAL E 5 -16.88 32.48 -35.90
CA VAL E 5 -17.08 31.69 -37.12
C VAL E 5 -17.92 30.46 -36.82
N ASP E 6 -18.86 30.16 -37.72
CA ASP E 6 -19.68 28.96 -37.57
C ASP E 6 -20.11 28.48 -38.96
N TRP E 7 -19.34 27.54 -39.49
CA TRP E 7 -19.59 27.01 -40.83
C TRP E 7 -20.91 26.29 -40.96
N ARG E 8 -21.54 25.93 -39.84
CA ARG E 8 -22.82 25.26 -39.91
C ARG E 8 -23.85 26.19 -40.58
N GLU E 9 -23.63 27.49 -40.39
CA GLU E 9 -24.52 28.52 -40.94
C GLU E 9 -24.51 28.53 -42.47
N LYS E 10 -23.41 28.06 -43.05
CA LYS E 10 -23.24 28.09 -44.50
C LYS E 10 -23.49 26.78 -45.25
N GLY E 11 -23.94 25.73 -44.56
CA GLY E 11 -24.24 24.48 -45.21
C GLY E 11 -23.05 23.55 -45.43
N TYR E 12 -21.95 23.83 -44.74
CA TYR E 12 -20.70 23.06 -44.85
C TYR E 12 -20.71 21.76 -44.03
N VAL E 13 -21.65 21.66 -43.09
CA VAL E 13 -21.66 20.53 -42.15
C VAL E 13 -22.87 19.60 -42.18
N THR E 14 -22.60 18.29 -42.15
CA THR E 14 -23.67 17.32 -42.14
C THR E 14 -24.20 17.13 -40.70
N PRO E 15 -25.33 16.43 -40.56
CA PRO E 15 -25.85 16.20 -39.20
C PRO E 15 -24.82 15.40 -38.40
N VAL E 16 -24.96 15.41 -37.09
CA VAL E 16 -24.03 14.68 -36.22
C VAL E 16 -24.21 13.18 -36.37
N LYS E 17 -23.10 12.47 -36.49
CA LYS E 17 -23.11 11.02 -36.63
C LYS E 17 -22.64 10.35 -35.32
N ASN E 18 -22.70 9.01 -35.29
CA ASN E 18 -22.34 8.24 -34.10
C ASN E 18 -21.38 7.08 -34.41
N GLN E 19 -20.16 7.17 -33.92
CA GLN E 19 -19.20 6.10 -34.16
C GLN E 19 -19.52 4.80 -33.39
N GLY E 20 -20.36 4.89 -32.37
CA GLY E 20 -20.68 3.69 -31.62
C GLY E 20 -19.47 3.13 -30.89
N GLN E 21 -19.52 1.84 -30.60
CA GLN E 21 -18.44 1.18 -29.88
C GLN E 21 -17.32 0.70 -30.82
N CYS E 22 -16.63 1.66 -31.40
CA CYS E 22 -15.54 1.43 -32.35
C CYS E 22 -14.65 2.69 -32.35
N GLY E 23 -13.34 2.50 -32.31
CA GLY E 23 -12.42 3.62 -32.31
C GLY E 23 -12.20 4.18 -33.70
N SER E 24 -13.31 4.59 -34.32
CA SER E 24 -13.29 5.12 -35.68
C SER E 24 -13.48 6.64 -35.73
N CYS E 25 -13.30 7.33 -34.60
CA CYS E 25 -13.44 8.78 -34.59
C CYS E 25 -12.58 9.45 -35.68
N TRP E 26 -11.39 8.91 -35.93
CA TRP E 26 -10.54 9.52 -36.95
C TRP E 26 -11.20 9.53 -38.34
N ALA E 27 -12.03 8.53 -38.60
CA ALA E 27 -12.72 8.48 -39.88
C ALA E 27 -13.85 9.53 -39.95
N PHE E 28 -14.54 9.73 -38.82
CA PHE E 28 -15.64 10.72 -38.81
C PHE E 28 -15.09 12.11 -38.88
N SER E 29 -13.93 12.32 -38.29
CA SER E 29 -13.32 13.62 -38.34
C SER E 29 -12.89 13.88 -39.80
N ALA E 30 -12.33 12.85 -40.43
CA ALA E 30 -11.87 12.99 -41.82
C ALA E 30 -13.03 13.24 -42.79
N THR E 31 -14.09 12.46 -42.69
CA THR E 31 -15.24 12.66 -43.57
C THR E 31 -15.86 14.04 -43.30
N GLY E 32 -15.80 14.48 -42.05
CA GLY E 32 -16.35 15.78 -41.72
C GLY E 32 -15.57 16.87 -42.44
N ALA E 33 -14.25 16.79 -42.39
CA ALA E 33 -13.44 17.80 -43.03
C ALA E 33 -13.54 17.76 -44.57
N LEU E 34 -13.64 16.57 -45.13
CA LEU E 34 -13.76 16.45 -46.58
C LEU E 34 -15.13 16.96 -47.04
N GLU E 35 -16.16 16.62 -46.27
CA GLU E 35 -17.50 17.07 -46.58
C GLU E 35 -17.53 18.60 -46.74
N GLY E 36 -16.83 19.29 -45.84
CA GLY E 36 -16.74 20.73 -45.88
C GLY E 36 -15.99 21.22 -47.11
N GLN E 37 -14.85 20.61 -47.40
CA GLN E 37 -14.07 21.00 -48.56
C GLN E 37 -14.75 20.66 -49.88
N MET E 38 -15.44 19.53 -49.96
CA MET E 38 -16.16 19.21 -51.18
C MET E 38 -17.27 20.24 -51.41
N PHE E 39 -17.93 20.66 -50.32
CA PHE E 39 -18.99 21.65 -50.44
C PHE E 39 -18.40 22.98 -50.93
N ARG E 40 -17.29 23.41 -50.35
CA ARG E 40 -16.68 24.66 -50.79
C ARG E 40 -16.34 24.61 -52.28
N LYS E 41 -16.16 23.39 -52.80
CA LYS E 41 -15.79 23.18 -54.19
C LYS E 41 -16.96 22.95 -55.17
N THR E 42 -17.99 22.26 -54.74
CA THR E 42 -19.10 21.98 -55.65
C THR E 42 -20.45 22.56 -55.20
N GLY E 43 -20.46 23.26 -54.07
CA GLY E 43 -21.71 23.82 -53.59
C GLY E 43 -22.68 22.72 -53.22
N ARG E 44 -22.21 21.49 -53.21
CA ARG E 44 -23.04 20.36 -52.82
C ARG E 44 -22.52 19.67 -51.54
N LEU E 45 -23.44 19.34 -50.63
CA LEU E 45 -23.09 18.67 -49.38
C LEU E 45 -23.51 17.20 -49.44
N ILE E 46 -22.52 16.31 -49.50
CA ILE E 46 -22.78 14.89 -49.59
C ILE E 46 -22.13 14.15 -48.43
N SER E 47 -22.91 13.41 -47.66
CA SER E 47 -22.31 12.68 -46.56
C SER E 47 -21.36 11.61 -47.13
N LEU E 48 -20.25 11.38 -46.45
CA LEU E 48 -19.25 10.42 -46.93
C LEU E 48 -19.13 9.18 -46.02
N SER E 49 -18.66 8.08 -46.62
CA SER E 49 -18.55 6.80 -45.91
C SER E 49 -17.35 6.62 -44.96
N GLU E 50 -17.63 6.63 -43.66
CA GLU E 50 -16.58 6.39 -42.68
C GLU E 50 -16.20 4.91 -42.74
N GLN E 51 -17.16 4.05 -43.04
CA GLN E 51 -16.90 2.61 -43.10
C GLN E 51 -15.91 2.29 -44.23
N ASN E 52 -16.01 3.05 -45.32
CA ASN E 52 -15.09 2.87 -46.43
C ASN E 52 -13.66 3.03 -45.89
N LEU E 53 -13.46 4.10 -45.12
CA LEU E 53 -12.17 4.40 -44.51
C LEU E 53 -11.72 3.31 -43.52
N VAL E 54 -12.63 2.90 -42.64
CA VAL E 54 -12.32 1.87 -41.66
C VAL E 54 -11.87 0.53 -42.28
N ASP E 55 -12.54 0.10 -43.34
CA ASP E 55 -12.23 -1.17 -43.99
C ASP E 55 -11.00 -1.16 -44.95
N CYS E 56 -10.68 0.00 -45.52
CA CYS E 56 -9.61 0.05 -46.52
C CYS E 56 -8.33 0.84 -46.22
N SER E 57 -8.37 1.79 -45.31
CA SER E 57 -7.18 2.61 -45.08
C SER E 57 -6.07 1.94 -44.31
N GLY E 58 -6.13 0.62 -44.12
CA GLY E 58 -5.09 -0.09 -43.39
C GLY E 58 -3.69 0.18 -43.95
N PRO E 59 -3.49 0.07 -45.27
CA PRO E 59 -2.19 0.30 -45.89
C PRO E 59 -1.57 1.66 -45.50
N GLN E 60 -2.42 2.68 -45.41
CA GLN E 60 -1.94 4.02 -45.05
C GLN E 60 -1.57 4.12 -43.59
N GLY E 61 -1.82 3.07 -42.81
CA GLY E 61 -1.46 3.10 -41.41
C GLY E 61 -2.62 3.07 -40.42
N ASN E 62 -3.84 3.06 -40.89
CA ASN E 62 -4.96 3.04 -39.93
C ASN E 62 -5.23 1.65 -39.40
N GLU E 63 -5.78 1.58 -38.17
CA GLU E 63 -6.06 0.30 -37.53
C GLU E 63 -7.57 0.03 -37.29
N GLY E 64 -8.42 0.43 -38.24
CA GLY E 64 -9.86 0.21 -38.11
C GLY E 64 -10.47 0.72 -36.81
N CYS E 65 -11.17 -0.14 -36.09
CA CYS E 65 -11.79 0.24 -34.83
C CYS E 65 -10.80 0.38 -33.67
N ASN E 66 -9.52 0.08 -33.91
CA ASN E 66 -8.53 0.20 -32.87
C ASN E 66 -7.78 1.54 -32.96
N GLY E 67 -8.14 2.34 -33.95
CA GLY E 67 -7.50 3.62 -34.08
C GLY E 67 -6.99 4.00 -35.45
N GLY E 68 -6.58 5.26 -35.56
CA GLY E 68 -6.08 5.78 -36.82
C GLY E 68 -5.82 7.27 -36.77
N LEU E 69 -5.54 7.84 -37.95
CA LEU E 69 -5.25 9.26 -38.09
C LEU E 69 -6.08 9.87 -39.23
N MET E 70 -6.57 11.09 -39.05
CA MET E 70 -7.31 11.69 -40.15
C MET E 70 -6.42 11.83 -41.42
N ASP E 71 -5.13 12.09 -41.21
CA ASP E 71 -4.19 12.23 -42.33
C ASP E 71 -4.11 10.93 -43.14
N TYR E 72 -4.04 9.81 -42.43
CA TYR E 72 -4.01 8.53 -43.14
C TYR E 72 -5.28 8.37 -43.95
N ALA E 73 -6.39 8.85 -43.39
CA ALA E 73 -7.65 8.75 -44.10
C ALA E 73 -7.59 9.56 -45.40
N PHE E 74 -7.09 10.79 -45.30
CA PHE E 74 -6.96 11.67 -46.46
C PHE E 74 -6.00 11.07 -47.49
N GLN E 75 -4.88 10.55 -46.99
CA GLN E 75 -3.87 9.93 -47.85
C GLN E 75 -4.50 8.79 -48.64
N TYR E 76 -5.41 8.07 -48.00
CA TYR E 76 -6.11 6.95 -48.62
C TYR E 76 -7.05 7.38 -49.76
N VAL E 77 -8.03 8.23 -49.44
CA VAL E 77 -8.98 8.70 -50.43
C VAL E 77 -8.31 8.97 -51.79
N GLN E 78 -7.17 9.65 -51.75
CA GLN E 78 -6.44 9.94 -52.96
C GLN E 78 -6.04 8.64 -53.70
N ASP E 79 -5.15 7.87 -53.06
CA ASP E 79 -4.66 6.61 -53.60
C ASP E 79 -5.77 5.75 -54.17
N ASN E 80 -6.76 5.47 -53.34
CA ASN E 80 -7.88 4.65 -53.76
C ASN E 80 -8.58 5.25 -54.98
N GLY E 81 -8.32 6.54 -55.21
CA GLY E 81 -8.91 7.23 -56.34
C GLY E 81 -10.31 7.75 -56.07
N GLY E 82 -10.73 7.69 -54.80
CA GLY E 82 -12.06 8.18 -54.46
C GLY E 82 -12.62 7.62 -53.17
N LEU E 83 -13.73 8.20 -52.74
CA LEU E 83 -14.40 7.78 -51.50
C LEU E 83 -15.91 7.62 -51.73
N ASP E 84 -16.45 6.49 -51.34
CA ASP E 84 -17.88 6.24 -51.52
C ASP E 84 -18.75 7.13 -50.63
N SER E 85 -20.01 7.33 -51.02
CA SER E 85 -20.92 8.13 -50.21
C SER E 85 -21.42 7.34 -49.01
N GLU E 86 -21.92 8.03 -48.00
CA GLU E 86 -22.43 7.35 -46.80
C GLU E 86 -23.58 6.39 -47.15
N GLU E 87 -24.47 6.84 -48.01
CA GLU E 87 -25.63 6.05 -48.40
C GLU E 87 -25.30 4.72 -49.11
N SER E 88 -24.34 4.76 -50.03
CA SER E 88 -23.95 3.57 -50.78
C SER E 88 -23.07 2.61 -49.96
N TYR E 89 -22.34 3.17 -49.00
CA TYR E 89 -21.44 2.39 -48.17
C TYR E 89 -21.70 2.66 -46.67
N PRO E 90 -22.80 2.07 -46.13
CA PRO E 90 -23.25 2.20 -44.74
C PRO E 90 -22.23 1.91 -43.63
N TYR E 91 -22.37 2.64 -42.54
CA TYR E 91 -21.52 2.48 -41.37
C TYR E 91 -21.99 1.29 -40.52
N GLU E 92 -21.06 0.52 -39.99
CA GLU E 92 -21.41 -0.66 -39.21
C GLU E 92 -20.71 -0.78 -37.85
N ALA E 93 -19.87 0.19 -37.52
CA ALA E 93 -19.19 0.16 -36.24
C ALA E 93 -18.36 -1.12 -36.02
N THR E 94 -17.70 -1.59 -37.06
CA THR E 94 -16.86 -2.78 -36.97
C THR E 94 -16.12 -2.94 -38.29
N GLU E 95 -14.86 -3.37 -38.24
CA GLU E 95 -14.13 -3.53 -39.49
C GLU E 95 -14.56 -4.72 -40.31
N GLU E 96 -14.66 -4.50 -41.61
CA GLU E 96 -15.06 -5.51 -42.58
C GLU E 96 -14.05 -5.50 -43.73
N SER E 97 -14.29 -6.34 -44.75
CA SER E 97 -13.39 -6.38 -45.89
C SER E 97 -13.60 -5.14 -46.76
N CYS E 98 -12.53 -4.61 -47.32
CA CYS E 98 -12.64 -3.41 -48.14
C CYS E 98 -13.57 -3.63 -49.36
N LYS E 99 -14.56 -2.75 -49.52
CA LYS E 99 -15.51 -2.86 -50.62
C LYS E 99 -15.64 -1.56 -51.45
N TYR E 100 -14.59 -0.75 -51.48
CA TYR E 100 -14.66 0.49 -52.24
C TYR E 100 -15.07 0.24 -53.70
N ASN E 101 -15.87 1.15 -54.25
CA ASN E 101 -16.32 1.04 -55.63
C ASN E 101 -16.27 2.40 -56.32
N PRO E 102 -15.59 2.49 -57.48
CA PRO E 102 -15.50 3.77 -58.19
C PRO E 102 -16.83 4.23 -58.83
N LYS E 103 -17.89 3.45 -58.65
CA LYS E 103 -19.19 3.80 -59.22
C LYS E 103 -20.04 4.60 -58.23
N TYR E 104 -19.82 4.34 -56.95
CA TYR E 104 -20.54 5.03 -55.89
C TYR E 104 -19.66 6.09 -55.21
N SER E 105 -18.52 6.36 -55.81
CA SER E 105 -17.61 7.38 -55.29
C SER E 105 -18.23 8.75 -55.48
N VAL E 106 -18.18 9.59 -54.45
CA VAL E 106 -18.76 10.92 -54.55
C VAL E 106 -17.78 12.01 -54.17
N ALA E 107 -16.57 11.63 -53.80
CA ALA E 107 -15.57 12.61 -53.43
C ALA E 107 -14.17 12.09 -53.65
N ASN E 108 -13.21 12.99 -53.52
CA ASN E 108 -11.82 12.64 -53.69
C ASN E 108 -10.97 13.82 -53.24
N ASP E 109 -9.69 13.58 -53.02
CA ASP E 109 -8.78 14.65 -52.66
C ASP E 109 -7.44 14.38 -53.32
N THR E 110 -6.53 15.33 -53.22
CA THR E 110 -5.22 15.18 -53.83
C THR E 110 -4.15 15.41 -52.78
N GLY E 111 -4.39 14.82 -51.62
CA GLY E 111 -3.45 14.97 -50.53
C GLY E 111 -4.14 15.67 -49.38
N PHE E 112 -3.35 16.34 -48.56
CA PHE E 112 -3.88 17.02 -47.40
C PHE E 112 -2.89 18.03 -46.84
N VAL E 113 -3.36 18.90 -45.96
CA VAL E 113 -2.52 19.93 -45.36
C VAL E 113 -2.48 19.87 -43.85
N ASP E 114 -1.27 19.85 -43.29
CA ASP E 114 -1.11 19.85 -41.85
C ASP E 114 -0.89 21.29 -41.40
N ILE E 115 -1.69 21.75 -40.43
CA ILE E 115 -1.60 23.12 -39.93
C ILE E 115 -0.60 23.30 -38.81
N PRO E 116 0.05 24.47 -38.74
CA PRO E 116 1.05 24.74 -37.69
C PRO E 116 0.41 24.53 -36.32
N LYS E 117 1.15 23.88 -35.43
CA LYS E 117 0.66 23.55 -34.10
C LYS E 117 0.48 24.75 -33.15
N GLN E 118 -0.32 25.73 -33.59
CA GLN E 118 -0.59 26.93 -32.79
C GLN E 118 -2.08 27.34 -32.89
N GLU E 119 -2.69 27.76 -31.77
CA GLU E 119 -4.09 28.17 -31.81
C GLU E 119 -4.32 29.34 -32.81
N LYS E 120 -3.30 30.17 -32.97
CA LYS E 120 -3.38 31.31 -33.88
C LYS E 120 -3.52 30.79 -35.31
N ALA E 121 -2.77 29.74 -35.62
CA ALA E 121 -2.82 29.12 -36.94
C ALA E 121 -4.17 28.37 -37.12
N LEU E 122 -4.64 27.74 -36.05
CA LEU E 122 -5.90 27.02 -36.11
C LEU E 122 -7.01 27.99 -36.49
N MET E 123 -7.10 29.09 -35.75
CA MET E 123 -8.10 30.12 -36.00
C MET E 123 -8.12 30.54 -37.46
N LYS E 124 -6.95 30.94 -37.98
CA LYS E 124 -6.85 31.36 -39.38
C LYS E 124 -7.35 30.30 -40.35
N ALA E 125 -7.01 29.04 -40.09
CA ALA E 125 -7.44 27.94 -40.94
C ALA E 125 -8.96 27.77 -40.91
N VAL E 126 -9.54 27.76 -39.71
CA VAL E 126 -11.00 27.61 -39.62
C VAL E 126 -11.71 28.81 -40.27
N ALA E 127 -11.15 30.00 -40.08
CA ALA E 127 -11.74 31.19 -40.65
C ALA E 127 -11.64 31.25 -42.17
N THR E 128 -10.57 30.72 -42.75
CA THR E 128 -10.41 30.81 -44.19
C THR E 128 -10.68 29.56 -45.02
N VAL E 129 -10.60 28.38 -44.42
CA VAL E 129 -10.78 27.12 -45.13
C VAL E 129 -12.14 26.47 -44.96
N GLY E 130 -12.54 26.33 -43.71
CA GLY E 130 -13.80 25.69 -43.39
C GLY E 130 -13.53 24.75 -42.22
N PRO E 131 -14.38 23.75 -41.99
CA PRO E 131 -14.22 22.79 -40.88
C PRO E 131 -12.83 22.14 -40.93
N ILE E 132 -12.15 22.12 -39.78
CA ILE E 132 -10.79 21.57 -39.66
C ILE E 132 -10.73 20.31 -38.77
N SER E 133 -10.03 19.27 -39.24
CA SER E 133 -9.91 18.05 -38.43
C SER E 133 -8.88 18.29 -37.32
N VAL E 134 -9.22 17.93 -36.10
CA VAL E 134 -8.29 18.12 -34.98
C VAL E 134 -8.39 16.97 -34.00
N ALA E 135 -7.42 16.90 -33.09
CA ALA E 135 -7.39 15.89 -32.05
C ALA E 135 -7.34 16.54 -30.67
N ILE E 136 -8.08 15.98 -29.72
CA ILE E 136 -8.13 16.51 -28.37
C ILE E 136 -8.00 15.43 -27.29
N ASP E 137 -7.65 15.88 -26.09
CA ASP E 137 -7.56 15.01 -24.94
C ASP E 137 -8.97 14.78 -24.37
N ALA E 138 -9.59 13.68 -24.76
CA ALA E 138 -10.93 13.33 -24.26
C ALA E 138 -10.82 12.26 -23.15
N GLY E 139 -9.64 12.17 -22.55
CA GLY E 139 -9.41 11.16 -21.52
C GLY E 139 -9.91 11.42 -20.11
N HIS E 140 -11.11 11.98 -19.99
CA HIS E 140 -11.63 12.29 -18.66
C HIS E 140 -13.14 12.05 -18.54
N GLU E 141 -13.60 11.69 -17.34
CA GLU E 141 -15.03 11.44 -17.22
C GLU E 141 -15.86 12.72 -17.37
N SER E 142 -15.25 13.88 -17.15
CA SER E 142 -16.00 15.13 -17.36
C SER E 142 -16.39 15.26 -18.87
N PHE E 143 -15.56 14.73 -19.75
CA PHE E 143 -15.86 14.81 -21.16
C PHE E 143 -17.00 13.82 -21.54
N LEU E 144 -16.99 12.65 -20.95
CA LEU E 144 -18.05 11.68 -21.23
C LEU E 144 -19.45 12.21 -20.77
N PHE E 145 -19.48 12.95 -19.67
CA PHE E 145 -20.76 13.45 -19.14
C PHE E 145 -21.08 14.87 -19.55
N TYR E 146 -20.29 15.43 -20.47
CA TYR E 146 -20.51 16.81 -20.88
C TYR E 146 -21.91 17.02 -21.48
N LYS E 147 -22.55 18.12 -21.09
CA LYS E 147 -23.89 18.46 -21.58
C LYS E 147 -23.92 19.84 -22.25
N GLU E 148 -23.40 20.86 -21.58
CA GLU E 148 -23.41 22.20 -22.15
C GLU E 148 -22.39 23.13 -21.51
N GLY E 149 -22.19 24.27 -22.15
CA GLY E 149 -21.25 25.26 -21.62
C GLY E 149 -19.87 25.08 -22.22
N ILE E 150 -18.92 25.88 -21.76
CA ILE E 150 -17.55 25.81 -22.22
C ILE E 150 -16.81 24.75 -21.45
N TYR E 151 -16.30 23.78 -22.17
CA TYR E 151 -15.60 22.70 -21.52
C TYR E 151 -14.15 23.11 -21.16
N PHE E 152 -13.84 22.97 -19.89
CA PHE E 152 -12.50 23.23 -19.39
C PHE E 152 -12.17 22.18 -18.35
N GLU E 153 -11.18 21.34 -18.65
CA GLU E 153 -10.75 20.29 -17.74
C GLU E 153 -9.31 20.58 -17.25
N PRO E 154 -9.17 20.94 -15.96
CA PRO E 154 -7.86 21.23 -15.37
C PRO E 154 -6.82 20.12 -15.53
N ASP E 155 -7.29 18.88 -15.72
CA ASP E 155 -6.41 17.74 -15.87
C ASP E 155 -6.09 17.40 -17.34
N CYS E 156 -6.59 18.22 -18.26
CA CYS E 156 -6.33 17.98 -19.68
C CYS E 156 -4.85 18.17 -20.00
N SER E 157 -4.44 17.53 -21.08
CA SER E 157 -3.07 17.61 -21.59
C SER E 157 -3.10 17.91 -23.09
N SER E 158 -1.99 18.42 -23.62
CA SER E 158 -1.89 18.75 -25.03
C SER E 158 -0.88 17.87 -25.76
N GLU E 159 -0.49 16.77 -25.13
CA GLU E 159 0.50 15.88 -25.74
C GLU E 159 0.03 14.42 -25.86
N ASP E 160 -1.14 14.11 -25.31
CA ASP E 160 -1.66 12.74 -25.38
C ASP E 160 -3.10 12.68 -25.92
N MET E 161 -3.40 13.57 -26.88
CA MET E 161 -4.72 13.60 -27.52
C MET E 161 -5.13 12.21 -27.94
N ASP E 162 -6.37 11.82 -27.65
CA ASP E 162 -6.83 10.48 -27.98
C ASP E 162 -8.16 10.47 -28.76
N HIS E 163 -8.67 11.65 -29.13
CA HIS E 163 -9.98 11.69 -29.80
C HIS E 163 -10.02 12.64 -31.01
N GLY E 164 -10.33 12.09 -32.18
CA GLY E 164 -10.41 12.93 -33.37
C GLY E 164 -11.81 13.55 -33.47
N VAL E 165 -11.88 14.86 -33.71
CA VAL E 165 -13.15 15.59 -33.83
C VAL E 165 -13.03 16.65 -34.93
N LEU E 166 -14.05 17.49 -35.07
CA LEU E 166 -14.05 18.49 -36.13
C LEU E 166 -14.38 19.90 -35.62
N VAL E 167 -13.47 20.85 -35.82
CA VAL E 167 -13.72 22.23 -35.43
C VAL E 167 -14.51 22.90 -36.55
N VAL E 168 -15.72 23.37 -36.26
CA VAL E 168 -16.53 24.02 -37.27
C VAL E 168 -16.62 25.53 -37.04
N GLY E 169 -15.98 26.01 -35.99
CA GLY E 169 -16.01 27.45 -35.74
C GLY E 169 -15.47 27.81 -34.38
N TYR E 170 -15.71 29.06 -33.99
CA TYR E 170 -15.30 29.60 -32.70
C TYR E 170 -16.07 30.87 -32.39
N GLY E 171 -16.06 31.27 -31.14
CA GLY E 171 -16.77 32.46 -30.74
C GLY E 171 -16.50 32.72 -29.28
N PHE E 172 -17.42 33.42 -28.64
CA PHE E 172 -17.29 33.68 -27.21
C PHE E 172 -18.68 33.90 -26.60
N GLU E 173 -18.79 33.72 -25.30
CA GLU E 173 -20.05 33.93 -24.60
C GLU E 173 -20.03 35.31 -23.93
N SER E 174 -21.17 35.98 -23.86
CA SER E 174 -21.24 37.31 -23.26
C SER E 174 -21.15 37.24 -21.73
N ASN E 180 -13.98 33.19 -21.66
CA ASN E 180 -15.26 32.99 -22.32
C ASN E 180 -15.15 32.71 -23.84
N LYS E 181 -13.96 32.39 -24.32
CA LYS E 181 -13.83 32.10 -25.74
C LYS E 181 -13.81 30.58 -25.95
N TYR E 182 -14.40 30.12 -27.05
CA TYR E 182 -14.42 28.69 -27.31
C TYR E 182 -14.27 28.31 -28.78
N TRP E 183 -13.94 27.04 -28.97
CA TRP E 183 -13.86 26.41 -30.25
C TRP E 183 -15.18 25.64 -30.41
N LEU E 184 -15.87 25.78 -31.53
CA LEU E 184 -17.13 25.05 -31.77
C LEU E 184 -16.76 23.71 -32.40
N VAL E 185 -16.95 22.64 -31.64
CA VAL E 185 -16.52 21.32 -32.08
C VAL E 185 -17.61 20.29 -32.28
N LYS E 186 -17.62 19.70 -33.47
CA LYS E 186 -18.54 18.59 -33.82
C LYS E 186 -17.91 17.26 -33.39
N ASN E 187 -18.60 16.53 -32.51
CA ASN E 187 -18.13 15.22 -32.04
C ASN E 187 -18.89 14.14 -32.84
N SER E 188 -18.47 12.89 -32.74
CA SER E 188 -19.13 11.80 -33.44
C SER E 188 -19.67 10.75 -32.48
N TRP E 189 -20.31 11.23 -31.41
CA TRP E 189 -20.90 10.35 -30.40
C TRP E 189 -22.43 10.46 -30.39
N GLY E 190 -22.98 10.86 -31.54
CA GLY E 190 -24.43 11.01 -31.65
C GLY E 190 -24.90 12.32 -31.08
N GLU E 191 -26.20 12.61 -31.25
CA GLU E 191 -26.74 13.89 -30.80
C GLU E 191 -27.21 13.94 -29.34
N GLU E 192 -27.10 12.84 -28.61
CA GLU E 192 -27.54 12.84 -27.22
C GLU E 192 -26.41 13.26 -26.27
N TRP E 193 -25.20 13.32 -26.79
CA TRP E 193 -24.05 13.78 -26.01
C TRP E 193 -23.88 15.30 -26.21
N GLY E 194 -23.48 16.01 -25.17
CA GLY E 194 -23.24 17.45 -25.32
C GLY E 194 -24.40 18.28 -25.87
N MET E 195 -24.08 19.31 -26.65
CA MET E 195 -25.12 20.16 -27.23
C MET E 195 -25.46 19.65 -28.60
N GLY E 196 -26.42 18.71 -28.68
CA GLY E 196 -26.74 18.11 -29.97
C GLY E 196 -25.52 17.45 -30.62
N GLY E 197 -24.59 16.96 -29.80
CA GLY E 197 -23.39 16.30 -30.36
C GLY E 197 -22.20 17.23 -30.48
N TYR E 198 -22.39 18.48 -30.07
CA TYR E 198 -21.32 19.47 -30.16
C TYR E 198 -20.80 19.85 -28.79
N VAL E 199 -19.54 20.29 -28.75
CA VAL E 199 -18.97 20.77 -27.50
C VAL E 199 -18.28 22.12 -27.74
N LYS E 200 -18.39 23.02 -26.77
CA LYS E 200 -17.73 24.30 -26.86
C LYS E 200 -16.47 24.18 -26.03
N MET E 201 -15.31 24.12 -26.65
CA MET E 201 -14.17 24.00 -25.82
C MET E 201 -13.31 25.21 -25.68
N ALA E 202 -12.85 25.39 -24.44
CA ALA E 202 -12.02 26.50 -24.05
C ALA E 202 -11.02 26.87 -25.13
N LYS E 203 -11.09 28.11 -25.56
CA LYS E 203 -10.19 28.60 -26.60
C LYS E 203 -9.24 29.65 -26.03
N ASP E 204 -8.04 29.68 -26.57
CA ASP E 204 -7.03 30.62 -26.12
C ASP E 204 -6.76 30.50 -24.61
N ARG E 205 -6.68 29.25 -24.16
CA ARG E 205 -6.38 28.89 -22.77
C ARG E 205 -5.17 27.96 -22.81
N ARG E 206 -4.12 28.41 -23.50
CA ARG E 206 -2.89 27.64 -23.64
C ARG E 206 -3.08 26.32 -24.37
N ASN E 207 -3.80 26.35 -25.48
CA ASN E 207 -4.03 25.16 -26.29
C ASN E 207 -4.63 24.01 -25.45
N HIS E 208 -5.69 24.34 -24.71
CA HIS E 208 -6.38 23.40 -23.83
C HIS E 208 -6.69 22.07 -24.54
N CYS E 209 -6.30 20.99 -23.88
CA CYS E 209 -6.49 19.63 -24.38
C CYS E 209 -5.82 19.40 -25.73
N GLY E 210 -4.87 20.27 -26.07
CA GLY E 210 -4.12 20.14 -27.32
C GLY E 210 -4.85 20.31 -28.64
N ILE E 211 -6.01 20.97 -28.61
CA ILE E 211 -6.86 21.16 -29.81
C ILE E 211 -6.16 21.68 -31.08
N ALA E 212 -5.00 22.34 -30.94
CA ALA E 212 -4.30 22.86 -32.13
C ALA E 212 -3.03 22.05 -32.52
N SER E 213 -2.67 21.07 -31.70
CA SER E 213 -1.47 20.26 -31.93
C SER E 213 -1.56 19.26 -33.11
N ALA E 214 -2.75 18.84 -33.51
CA ALA E 214 -2.87 17.91 -34.64
C ALA E 214 -4.03 18.28 -35.56
N ALA E 215 -3.97 19.49 -36.12
CA ALA E 215 -5.01 19.99 -37.00
C ALA E 215 -4.67 19.84 -38.49
N SER E 216 -5.66 19.45 -39.30
CA SER E 216 -5.44 19.28 -40.74
C SER E 216 -6.76 19.22 -41.54
N TYR E 217 -6.64 19.31 -42.86
CA TYR E 217 -7.78 19.25 -43.76
C TYR E 217 -7.38 18.68 -45.14
N PRO E 218 -8.32 18.08 -45.89
CA PRO E 218 -7.94 17.53 -47.19
C PRO E 218 -7.96 18.60 -48.30
N THR E 219 -7.00 18.51 -49.22
CA THR E 219 -6.94 19.46 -50.33
C THR E 219 -7.83 18.98 -51.48
N VAL E 220 -8.63 19.88 -52.03
CA VAL E 220 -9.52 19.52 -53.13
C VAL E 220 -9.37 20.46 -54.36
N ALA F 1 -6.00 1.09 54.00
CA ALA F 1 -4.51 1.03 54.00
C ALA F 1 -3.92 2.46 54.09
N PRO F 2 -2.61 2.56 54.40
CA PRO F 2 -1.93 3.85 54.52
C PRO F 2 -2.02 4.66 53.22
N ARG F 3 -1.94 5.99 53.33
CA ARG F 3 -1.99 6.87 52.17
C ARG F 3 -0.75 6.70 51.29
N SER F 4 0.37 6.37 51.94
CA SER F 4 1.65 6.20 51.27
C SER F 4 2.50 5.10 51.91
N VAL F 5 3.25 4.38 51.07
CA VAL F 5 4.13 3.31 51.55
C VAL F 5 5.40 3.29 50.73
N ASP F 6 6.53 3.09 51.39
CA ASP F 6 7.82 3.02 50.71
C ASP F 6 8.73 2.13 51.52
N TRP F 7 8.77 0.85 51.15
CA TRP F 7 9.58 -0.13 51.86
C TRP F 7 11.08 0.16 51.83
N ARG F 8 11.52 1.07 50.95
CA ARG F 8 12.94 1.39 50.89
C ARG F 8 13.37 2.03 52.20
N GLU F 9 12.43 2.72 52.83
CA GLU F 9 12.64 3.42 54.09
C GLU F 9 12.97 2.46 55.24
N LYS F 10 12.47 1.23 55.12
CA LYS F 10 12.63 0.23 56.17
C LYS F 10 13.75 -0.78 55.98
N GLY F 11 14.56 -0.63 54.94
CA GLY F 11 15.67 -1.55 54.71
C GLY F 11 15.32 -2.85 53.99
N TYR F 12 14.13 -2.89 53.39
CA TYR F 12 13.64 -4.07 52.66
C TYR F 12 14.19 -4.23 51.24
N VAL F 13 14.77 -3.16 50.72
CA VAL F 13 15.21 -3.15 49.31
C VAL F 13 16.71 -2.99 49.03
N THR F 14 17.21 -3.84 48.14
CA THR F 14 18.61 -3.78 47.74
C THR F 14 18.80 -2.68 46.67
N PRO F 15 20.06 -2.32 46.38
CA PRO F 15 20.32 -1.29 45.37
C PRO F 15 19.77 -1.79 44.01
N VAL F 16 19.55 -0.85 43.10
CA VAL F 16 19.03 -1.22 41.77
C VAL F 16 20.07 -2.01 40.99
N LYS F 17 19.62 -3.09 40.36
CA LYS F 17 20.47 -3.95 39.55
C LYS F 17 20.20 -3.75 38.05
N ASN F 18 20.97 -4.44 37.21
CA ASN F 18 20.86 -4.30 35.76
C ASN F 18 20.87 -5.65 35.02
N GLN F 19 19.73 -5.99 34.41
CA GLN F 19 19.64 -7.26 33.67
C GLN F 19 20.46 -7.29 32.36
N GLY F 20 20.83 -6.12 31.85
CA GLY F 20 21.61 -6.10 30.62
C GLY F 20 20.81 -6.63 29.44
N GLN F 21 21.50 -7.07 28.40
CA GLN F 21 20.82 -7.58 27.21
C GLN F 21 20.43 -9.05 27.35
N CYS F 22 19.47 -9.30 28.23
CA CYS F 22 18.98 -10.64 28.55
C CYS F 22 17.56 -10.49 29.14
N GLY F 23 16.61 -11.30 28.67
CA GLY F 23 15.25 -11.24 29.18
C GLY F 23 15.11 -11.96 30.51
N SER F 24 15.86 -11.49 31.49
CA SER F 24 15.88 -12.06 32.83
C SER F 24 15.20 -11.19 33.88
N CYS F 25 14.41 -10.22 33.43
CA CYS F 25 13.69 -9.36 34.36
C CYS F 25 12.89 -10.17 35.37
N TRP F 26 12.27 -11.28 34.95
CA TRP F 26 11.50 -12.10 35.88
C TRP F 26 12.35 -12.60 37.05
N ALA F 27 13.64 -12.80 36.83
CA ALA F 27 14.51 -13.27 37.91
C ALA F 27 14.81 -12.12 38.89
N PHE F 28 14.96 -10.91 38.36
CA PHE F 28 15.24 -9.74 39.21
C PHE F 28 14.02 -9.35 40.03
N SER F 29 12.84 -9.55 39.45
CA SER F 29 11.62 -9.22 40.15
C SER F 29 11.48 -10.22 41.31
N ALA F 30 11.77 -11.49 41.01
CA ALA F 30 11.66 -12.56 42.00
C ALA F 30 12.67 -12.37 43.15
N THR F 31 13.93 -12.13 42.81
CA THR F 31 14.94 -11.92 43.85
C THR F 31 14.58 -10.67 44.65
N GLY F 32 13.95 -9.70 43.99
CA GLY F 32 13.59 -8.49 44.70
C GLY F 32 12.56 -8.78 45.77
N ALA F 33 11.56 -9.59 45.41
CA ALA F 33 10.50 -9.94 46.33
C ALA F 33 10.99 -10.86 47.46
N LEU F 34 11.91 -11.76 47.13
CA LEU F 34 12.47 -12.67 48.11
C LEU F 34 13.28 -11.89 49.13
N GLU F 35 14.11 -10.97 48.62
CA GLU F 35 14.94 -10.12 49.46
C GLU F 35 14.09 -9.40 50.51
N GLY F 36 12.93 -8.89 50.07
CA GLY F 36 12.02 -8.21 50.98
C GLY F 36 11.44 -9.11 52.05
N GLN F 37 11.02 -10.32 51.67
CA GLN F 37 10.44 -11.26 52.62
C GLN F 37 11.49 -11.87 53.53
N MET F 38 12.67 -12.16 52.99
CA MET F 38 13.72 -12.70 53.83
C MET F 38 14.12 -11.66 54.89
N PHE F 39 13.99 -10.38 54.53
CA PHE F 39 14.31 -9.33 55.49
C PHE F 39 13.19 -9.23 56.54
N ARG F 40 11.94 -9.29 56.12
CA ARG F 40 10.83 -9.21 57.07
C ARG F 40 10.93 -10.33 58.12
N LYS F 41 11.56 -11.44 57.71
CA LYS F 41 11.70 -12.61 58.58
C LYS F 41 12.99 -12.67 59.41
N THR F 42 14.12 -12.34 58.81
CA THR F 42 15.39 -12.42 59.54
C THR F 42 16.01 -11.07 59.93
N GLY F 43 15.44 -9.96 59.47
CA GLY F 43 16.02 -8.67 59.81
C GLY F 43 17.33 -8.46 59.08
N ARG F 44 17.68 -9.39 58.19
CA ARG F 44 18.90 -9.24 57.41
C ARG F 44 18.59 -9.12 55.90
N LEU F 45 19.23 -8.15 55.25
CA LEU F 45 19.08 -7.92 53.81
C LEU F 45 20.27 -8.48 53.05
N ILE F 46 20.02 -9.51 52.27
CA ILE F 46 21.08 -10.16 51.50
C ILE F 46 20.70 -10.21 50.01
N SER F 47 21.57 -9.70 49.15
CA SER F 47 21.27 -9.72 47.73
C SER F 47 21.25 -11.18 47.25
N LEU F 48 20.33 -11.51 46.34
CA LEU F 48 20.19 -12.87 45.85
C LEU F 48 20.62 -13.07 44.38
N SER F 49 21.00 -14.30 44.05
CA SER F 49 21.47 -14.64 42.71
C SER F 49 20.38 -14.80 41.62
N GLU F 50 20.32 -13.83 40.70
CA GLU F 50 19.39 -13.95 39.60
C GLU F 50 19.95 -14.97 38.62
N GLN F 51 21.27 -15.07 38.54
CA GLN F 51 21.92 -16.00 37.61
C GLN F 51 21.60 -17.45 38.01
N ASN F 52 21.48 -17.68 39.32
CA ASN F 52 21.13 -18.99 39.83
C ASN F 52 19.77 -19.38 39.19
N LEU F 53 18.80 -18.48 39.31
CA LEU F 53 17.46 -18.68 38.75
C LEU F 53 17.48 -18.89 37.23
N VAL F 54 18.19 -18.01 36.52
CA VAL F 54 18.30 -18.10 35.07
C VAL F 54 18.88 -19.42 34.56
N ASP F 55 19.89 -19.94 35.26
CA ASP F 55 20.54 -21.19 34.83
C ASP F 55 19.80 -22.47 35.26
N CYS F 56 19.03 -22.41 36.36
CA CYS F 56 18.41 -23.63 36.89
C CYS F 56 16.88 -23.75 36.95
N SER F 57 16.15 -22.74 36.56
CA SER F 57 14.71 -22.87 36.71
C SER F 57 13.98 -23.34 35.47
N GLY F 58 14.75 -23.82 34.48
CA GLY F 58 14.16 -24.33 33.25
C GLY F 58 13.05 -25.36 33.52
N PRO F 59 13.25 -26.31 34.45
CA PRO F 59 12.25 -27.33 34.79
C PRO F 59 10.93 -26.72 35.24
N GLN F 60 11.00 -25.60 35.95
CA GLN F 60 9.80 -24.94 36.41
C GLN F 60 9.07 -24.19 35.31
N GLY F 61 9.68 -24.11 34.14
CA GLY F 61 9.02 -23.44 33.02
C GLY F 61 9.72 -22.18 32.53
N ASN F 62 10.78 -21.75 33.19
CA ASN F 62 11.46 -20.54 32.71
C ASN F 62 12.35 -20.79 31.48
N GLU F 63 12.53 -19.76 30.64
CA GLU F 63 13.32 -19.87 29.43
C GLU F 63 14.61 -19.02 29.44
N GLY F 64 15.27 -18.93 30.60
CA GLY F 64 16.52 -18.18 30.70
C GLY F 64 16.41 -16.73 30.23
N CYS F 65 17.30 -16.34 29.31
CA CYS F 65 17.28 -14.99 28.76
C CYS F 65 16.15 -14.77 27.75
N ASN F 66 15.38 -15.80 27.45
CA ASN F 66 14.28 -15.63 26.52
C ASN F 66 12.96 -15.39 27.26
N GLY F 67 13.00 -15.40 28.59
CA GLY F 67 11.78 -15.14 29.32
C GLY F 67 11.48 -16.06 30.46
N GLY F 68 10.45 -15.71 31.23
CA GLY F 68 10.07 -16.52 32.38
C GLY F 68 9.02 -15.85 33.23
N LEU F 69 8.74 -16.45 34.40
CA LEU F 69 7.76 -15.94 35.34
C LEU F 69 8.33 -15.87 36.76
N MET F 70 7.95 -14.85 37.51
CA MET F 70 8.46 -14.77 38.88
C MET F 70 7.98 -16.00 39.72
N ASP F 71 6.77 -16.46 39.45
CA ASP F 71 6.22 -17.63 40.15
C ASP F 71 7.07 -18.87 39.88
N TYR F 72 7.49 -19.05 38.64
CA TYR F 72 8.34 -20.19 38.33
C TYR F 72 9.63 -20.10 39.12
N ALA F 73 10.11 -18.86 39.28
CA ALA F 73 11.34 -18.65 40.03
C ALA F 73 11.15 -19.06 41.50
N PHE F 74 10.03 -18.64 42.09
CA PHE F 74 9.72 -18.97 43.48
C PHE F 74 9.52 -20.49 43.65
N GLN F 75 8.97 -21.12 42.62
CA GLN F 75 8.74 -22.56 42.66
C GLN F 75 10.08 -23.30 42.68
N TYR F 76 11.06 -22.75 41.96
CA TYR F 76 12.38 -23.32 41.90
C TYR F 76 13.12 -23.27 43.23
N VAL F 77 13.17 -22.08 43.84
CA VAL F 77 13.85 -21.93 45.12
C VAL F 77 13.39 -23.01 46.11
N GLN F 78 12.07 -23.24 46.13
CA GLN F 78 11.50 -24.25 46.99
C GLN F 78 12.01 -25.64 46.60
N ASP F 79 11.60 -26.10 45.41
CA ASP F 79 12.01 -27.40 44.88
C ASP F 79 13.51 -27.66 45.07
N ASN F 80 14.31 -26.62 44.87
CA ASN F 80 15.77 -26.74 44.96
C ASN F 80 16.35 -26.74 46.38
N GLY F 81 15.54 -26.42 47.39
CA GLY F 81 16.04 -26.41 48.74
C GLY F 81 16.74 -25.12 49.13
N GLY F 82 16.80 -24.16 48.20
CA GLY F 82 17.44 -22.90 48.50
C GLY F 82 17.93 -22.09 47.29
N LEU F 83 18.33 -20.85 47.55
CA LEU F 83 18.83 -19.96 46.50
C LEU F 83 20.17 -19.37 46.89
N ASP F 84 21.14 -19.40 45.99
CA ASP F 84 22.46 -18.87 46.29
C ASP F 84 22.46 -17.33 46.42
N SER F 85 23.43 -16.79 47.15
CA SER F 85 23.51 -15.34 47.31
C SER F 85 24.07 -14.71 46.03
N GLU F 86 23.85 -13.41 45.84
CA GLU F 86 24.37 -12.74 44.66
C GLU F 86 25.89 -12.84 44.62
N GLU F 87 26.49 -12.67 45.78
CA GLU F 87 27.95 -12.71 45.90
C GLU F 87 28.55 -14.07 45.49
N SER F 88 27.92 -15.16 45.92
CA SER F 88 28.42 -16.49 45.60
C SER F 88 28.10 -16.94 44.18
N TYR F 89 27.02 -16.41 43.61
CA TYR F 89 26.59 -16.80 42.27
C TYR F 89 26.29 -15.54 41.41
N PRO F 90 27.36 -14.89 40.89
CA PRO F 90 27.40 -13.69 40.05
C PRO F 90 26.59 -13.70 38.76
N TYR F 91 26.04 -12.52 38.44
CA TYR F 91 25.23 -12.33 37.24
C TYR F 91 26.12 -12.16 35.98
N GLU F 92 25.74 -12.86 34.91
CA GLU F 92 26.50 -12.83 33.67
C GLU F 92 25.67 -12.39 32.45
N ALA F 93 24.39 -12.13 32.67
CA ALA F 93 23.52 -11.70 31.58
C ALA F 93 23.50 -12.72 30.42
N THR F 94 23.52 -13.99 30.74
CA THR F 94 23.47 -15.02 29.72
C THR F 94 23.30 -16.38 30.41
N GLU F 95 22.57 -17.30 29.79
CA GLU F 95 22.35 -18.58 30.42
C GLU F 95 23.57 -19.47 30.36
N GLU F 96 23.80 -20.18 31.46
CA GLU F 96 24.89 -21.11 31.58
C GLU F 96 24.41 -22.35 32.33
N SER F 97 25.32 -23.28 32.62
CA SER F 97 24.95 -24.50 33.33
C SER F 97 24.61 -24.23 34.78
N CYS F 98 23.63 -24.97 35.30
CA CYS F 98 23.23 -24.80 36.69
C CYS F 98 24.35 -25.15 37.68
N LYS F 99 24.89 -24.14 38.36
CA LYS F 99 25.96 -24.32 39.34
C LYS F 99 25.50 -24.08 40.79
N TYR F 100 24.22 -24.30 41.05
CA TYR F 100 23.67 -24.09 42.38
C TYR F 100 24.35 -24.93 43.46
N ASN F 101 24.83 -24.27 44.52
CA ASN F 101 25.48 -24.96 45.61
C ASN F 101 24.85 -24.59 46.98
N PRO F 102 24.20 -25.55 47.63
CA PRO F 102 23.54 -25.37 48.94
C PRO F 102 24.41 -24.81 50.07
N LYS F 103 25.73 -24.72 49.85
CA LYS F 103 26.61 -24.18 50.89
C LYS F 103 26.60 -22.65 50.90
N TYR F 104 26.20 -22.07 49.78
CA TYR F 104 26.12 -20.62 49.63
C TYR F 104 24.67 -20.15 49.55
N SER F 105 23.74 -21.02 49.91
CA SER F 105 22.33 -20.68 49.89
C SER F 105 22.01 -19.76 51.06
N VAL F 106 21.41 -18.60 50.77
CA VAL F 106 21.09 -17.65 51.81
C VAL F 106 19.60 -17.40 51.96
N ALA F 107 18.80 -18.08 51.15
CA ALA F 107 17.36 -17.91 51.23
C ALA F 107 16.63 -19.13 50.73
N ASN F 108 15.35 -19.17 51.03
CA ASN F 108 14.48 -20.26 50.64
C ASN F 108 13.06 -19.79 50.82
N ASP F 109 12.12 -20.55 50.29
CA ASP F 109 10.71 -20.22 50.44
C ASP F 109 9.88 -21.50 50.46
N THR F 110 8.63 -21.41 50.90
CA THR F 110 7.78 -22.59 50.96
C THR F 110 6.62 -22.42 50.01
N GLY F 111 6.94 -21.91 48.83
CA GLY F 111 5.91 -21.68 47.83
C GLY F 111 5.80 -20.20 47.55
N PHE F 112 4.61 -19.78 47.15
CA PHE F 112 4.38 -18.38 46.84
C PHE F 112 2.89 -18.08 46.80
N VAL F 113 2.55 -16.80 46.84
CA VAL F 113 1.15 -16.36 46.82
C VAL F 113 0.83 -15.49 45.62
N ASP F 114 -0.24 -15.84 44.91
CA ASP F 114 -0.69 -15.07 43.77
C ASP F 114 -1.80 -14.13 44.25
N ILE F 115 -1.59 -12.83 44.08
CA ILE F 115 -2.54 -11.80 44.51
C ILE F 115 -3.71 -11.61 43.57
N PRO F 116 -4.91 -11.33 44.13
CA PRO F 116 -6.09 -11.11 43.28
C PRO F 116 -5.81 -9.99 42.27
N LYS F 117 -6.24 -10.19 41.03
CA LYS F 117 -6.01 -9.24 39.95
C LYS F 117 -6.75 -7.91 40.06
N GLN F 118 -6.64 -7.23 41.20
CA GLN F 118 -7.25 -5.90 41.41
C GLN F 118 -6.25 -4.92 42.08
N GLU F 119 -6.25 -3.66 41.67
CA GLU F 119 -5.34 -2.71 42.30
C GLU F 119 -5.57 -2.65 43.82
N LYS F 120 -6.84 -2.70 44.22
CA LYS F 120 -7.21 -2.67 45.62
C LYS F 120 -6.52 -3.78 46.40
N ALA F 121 -6.46 -4.96 45.81
CA ALA F 121 -5.78 -6.08 46.46
C ALA F 121 -4.25 -5.84 46.43
N LEU F 122 -3.74 -5.29 45.32
CA LEU F 122 -2.31 -4.99 45.22
C LEU F 122 -1.91 -4.08 46.38
N MET F 123 -2.60 -2.96 46.50
CA MET F 123 -2.34 -1.98 47.55
C MET F 123 -2.25 -2.62 48.93
N LYS F 124 -3.22 -3.47 49.26
CA LYS F 124 -3.24 -4.13 50.56
C LYS F 124 -2.02 -5.02 50.79
N ALA F 125 -1.58 -5.73 49.74
CA ALA F 125 -0.43 -6.61 49.84
C ALA F 125 0.87 -5.81 50.02
N VAL F 126 1.01 -4.73 49.27
CA VAL F 126 2.22 -3.93 49.41
C VAL F 126 2.25 -3.31 50.79
N ALA F 127 1.09 -2.88 51.26
CA ALA F 127 0.99 -2.25 52.55
C ALA F 127 1.27 -3.21 53.71
N THR F 128 0.83 -4.47 53.58
CA THR F 128 1.00 -5.40 54.69
C THR F 128 2.11 -6.45 54.55
N VAL F 129 2.57 -6.70 53.33
CA VAL F 129 3.58 -7.74 53.10
C VAL F 129 4.99 -7.23 52.86
N GLY F 130 5.12 -6.24 52.00
CA GLY F 130 6.44 -5.75 51.66
C GLY F 130 6.45 -5.62 50.14
N PRO F 131 7.63 -5.57 49.50
CA PRO F 131 7.73 -5.43 48.04
C PRO F 131 7.01 -6.58 47.31
N ILE F 132 6.23 -6.23 46.29
CA ILE F 132 5.45 -7.22 45.51
C ILE F 132 5.94 -7.36 44.05
N SER F 133 6.13 -8.60 43.60
CA SER F 133 6.56 -8.83 42.21
C SER F 133 5.34 -8.59 41.29
N VAL F 134 5.51 -7.82 40.22
CA VAL F 134 4.40 -7.57 39.30
C VAL F 134 4.89 -7.53 37.87
N ALA F 135 3.94 -7.52 36.95
CA ALA F 135 4.22 -7.44 35.52
C ALA F 135 3.49 -6.25 34.89
N ILE F 136 4.18 -5.54 34.01
CA ILE F 136 3.59 -4.38 33.34
C ILE F 136 3.86 -4.35 31.84
N ASP F 137 3.05 -3.57 31.13
CA ASP F 137 3.21 -3.37 29.71
C ASP F 137 4.31 -2.32 29.48
N ALA F 138 5.53 -2.77 29.22
CA ALA F 138 6.65 -1.85 28.96
C ALA F 138 6.93 -1.80 27.44
N GLY F 139 5.91 -2.14 26.66
CA GLY F 139 6.09 -2.19 25.22
C GLY F 139 6.01 -0.90 24.43
N HIS F 140 6.64 0.16 24.95
CA HIS F 140 6.56 1.45 24.29
C HIS F 140 7.85 2.28 24.42
N GLU F 141 8.09 3.15 23.42
CA GLU F 141 9.27 4.03 23.43
C GLU F 141 9.30 4.92 24.65
N SER F 142 8.13 5.41 25.05
CA SER F 142 8.05 6.29 26.21
C SER F 142 8.61 5.61 27.48
N PHE F 143 8.46 4.30 27.57
CA PHE F 143 8.99 3.62 28.75
C PHE F 143 10.53 3.52 28.69
N LEU F 144 11.06 3.27 27.49
CA LEU F 144 12.50 3.20 27.34
C LEU F 144 13.20 4.53 27.68
N PHE F 145 12.55 5.64 27.33
CA PHE F 145 13.15 6.95 27.56
C PHE F 145 12.71 7.62 28.84
N TYR F 146 11.99 6.90 29.68
CA TYR F 146 11.48 7.51 30.90
C TYR F 146 12.61 8.02 31.80
N LYS F 147 12.41 9.22 32.32
CA LYS F 147 13.38 9.84 33.23
C LYS F 147 12.73 10.20 34.58
N GLU F 148 11.58 10.85 34.57
CA GLU F 148 10.97 11.26 35.83
C GLU F 148 9.48 11.54 35.71
N GLY F 149 8.83 11.64 36.86
CA GLY F 149 7.41 11.92 36.92
C GLY F 149 6.55 10.67 36.92
N ILE F 150 5.24 10.87 36.84
CA ILE F 150 4.32 9.76 36.82
C ILE F 150 4.17 9.26 35.40
N TYR F 151 4.50 7.99 35.20
CA TYR F 151 4.42 7.41 33.89
C TYR F 151 2.96 7.02 33.55
N PHE F 152 2.49 7.56 32.45
CA PHE F 152 1.16 7.25 31.94
C PHE F 152 1.28 7.20 30.43
N GLU F 153 1.06 6.02 29.86
CA GLU F 153 1.13 5.83 28.42
C GLU F 153 -0.27 5.55 27.88
N PRO F 154 -0.86 6.51 27.15
CA PRO F 154 -2.20 6.37 26.60
C PRO F 154 -2.42 5.06 25.80
N ASP F 155 -1.34 4.47 25.31
CA ASP F 155 -1.43 3.25 24.50
C ASP F 155 -1.09 1.98 25.31
N CYS F 156 -1.01 2.09 26.64
CA CYS F 156 -0.72 0.91 27.44
C CYS F 156 -1.89 -0.05 27.42
N SER F 157 -1.57 -1.31 27.72
CA SER F 157 -2.56 -2.38 27.79
C SER F 157 -2.41 -3.13 29.13
N SER F 158 -3.47 -3.79 29.55
CA SER F 158 -3.44 -4.56 30.80
C SER F 158 -3.55 -6.06 30.53
N GLU F 159 -3.29 -6.47 29.29
CA GLU F 159 -3.39 -7.88 28.94
C GLU F 159 -2.14 -8.44 28.23
N ASP F 160 -1.22 -7.55 27.83
CA ASP F 160 0.00 -8.01 27.15
C ASP F 160 1.28 -7.61 27.91
N MET F 161 1.23 -7.67 29.23
CA MET F 161 2.37 -7.33 30.07
C MET F 161 3.61 -8.13 29.65
N ASP F 162 4.71 -7.42 29.43
CA ASP F 162 5.91 -8.09 28.97
C ASP F 162 7.13 -7.82 29.86
N HIS F 163 6.94 -7.10 30.97
CA HIS F 163 8.11 -6.76 31.80
C HIS F 163 7.88 -6.98 33.32
N GLY F 164 8.71 -7.81 33.92
CA GLY F 164 8.59 -8.07 35.35
C GLY F 164 9.37 -7.03 36.14
N VAL F 165 8.75 -6.46 37.17
CA VAL F 165 9.38 -5.45 38.01
C VAL F 165 8.95 -5.65 39.47
N LEU F 166 9.26 -4.69 40.34
CA LEU F 166 8.94 -4.82 41.75
C LEU F 166 8.29 -3.57 42.33
N VAL F 167 7.08 -3.71 42.88
CA VAL F 167 6.41 -2.59 43.51
C VAL F 167 6.92 -2.49 44.96
N VAL F 168 7.53 -1.36 45.32
CA VAL F 168 8.04 -1.20 46.68
C VAL F 168 7.19 -0.21 47.49
N GLY F 169 6.15 0.34 46.88
CA GLY F 169 5.32 1.27 47.64
C GLY F 169 4.37 2.01 46.72
N TYR F 170 3.76 3.05 47.26
CA TYR F 170 2.84 3.91 46.54
C TYR F 170 2.64 5.19 47.29
N GLY F 171 2.11 6.19 46.59
CA GLY F 171 1.89 7.47 47.22
C GLY F 171 1.23 8.38 46.23
N PHE F 172 1.39 9.68 46.41
CA PHE F 172 0.83 10.64 45.49
C PHE F 172 1.65 11.91 45.46
N GLU F 173 1.47 12.71 44.42
CA GLU F 173 2.18 13.96 44.30
C GLU F 173 1.23 15.14 44.50
N SER F 174 1.75 16.24 45.05
CA SER F 174 0.96 17.44 45.31
C SER F 174 0.36 18.03 44.03
N ASN F 180 -2.86 11.93 40.24
CA ASN F 180 -1.60 12.19 40.93
C ASN F 180 -1.15 11.02 41.83
N LYS F 181 -1.82 9.88 41.73
CA LYS F 181 -1.43 8.73 42.53
C LYS F 181 -0.49 7.83 41.71
N TYR F 182 0.48 7.22 42.36
CA TYR F 182 1.42 6.36 41.66
C TYR F 182 1.88 5.15 42.48
N TRP F 183 2.33 4.15 41.75
CA TRP F 183 2.95 2.98 42.31
C TRP F 183 4.45 3.22 42.26
N LEU F 184 5.18 2.94 43.34
CA LEU F 184 6.63 3.13 43.32
C LEU F 184 7.24 1.80 42.84
N VAL F 185 7.82 1.82 41.64
CA VAL F 185 8.35 0.59 41.07
C VAL F 185 9.84 0.56 40.82
N LYS F 186 10.47 -0.50 41.32
CA LYS F 186 11.89 -0.77 41.13
C LYS F 186 12.09 -1.59 39.84
N ASN F 187 12.84 -1.03 38.89
CA ASN F 187 13.12 -1.70 37.62
C ASN F 187 14.52 -2.33 37.72
N SER F 188 14.87 -3.15 36.74
CA SER F 188 16.17 -3.80 36.72
C SER F 188 16.94 -3.45 35.46
N TRP F 189 16.96 -2.17 35.13
CA TRP F 189 17.67 -1.67 33.98
C TRP F 189 18.83 -0.74 34.40
N GLY F 190 19.31 -0.93 35.63
CA GLY F 190 20.38 -0.08 36.14
C GLY F 190 19.87 1.25 36.65
N GLU F 191 20.76 2.04 37.25
CA GLU F 191 20.36 3.30 37.86
C GLU F 191 20.36 4.50 36.92
N GLU F 192 20.73 4.31 35.65
CA GLU F 192 20.74 5.44 34.72
C GLU F 192 19.39 5.60 34.03
N TRP F 193 18.54 4.60 34.18
CA TRP F 193 17.18 4.69 33.63
C TRP F 193 16.22 5.27 34.70
N GLY F 194 15.28 6.09 34.28
CA GLY F 194 14.32 6.64 35.22
C GLY F 194 14.87 7.40 36.41
N MET F 195 14.23 7.26 37.57
CA MET F 195 14.68 7.95 38.79
C MET F 195 15.57 7.00 39.58
N GLY F 196 16.86 6.98 39.24
CA GLY F 196 17.76 6.05 39.90
C GLY F 196 17.33 4.60 39.67
N GLY F 197 16.66 4.33 38.56
CA GLY F 197 16.23 2.94 38.29
C GLY F 197 14.79 2.67 38.64
N TYR F 198 14.12 3.68 39.18
CA TYR F 198 12.73 3.54 39.60
C TYR F 198 11.80 4.31 38.73
N VAL F 199 10.53 3.88 38.70
CA VAL F 199 9.53 4.59 37.95
C VAL F 199 8.27 4.72 38.83
N LYS F 200 7.60 5.86 38.70
CA LYS F 200 6.35 6.09 39.40
C LYS F 200 5.25 5.79 38.37
N MET F 201 4.65 4.61 38.48
CA MET F 201 3.62 4.17 37.55
C MET F 201 2.22 4.67 37.98
N ALA F 202 1.47 5.24 37.03
CA ALA F 202 0.13 5.74 37.32
C ALA F 202 -0.69 4.74 38.15
N LYS F 203 -1.31 5.23 39.21
CA LYS F 203 -2.08 4.37 40.11
C LYS F 203 -3.55 4.73 40.13
N ASP F 204 -4.38 3.72 40.33
CA ASP F 204 -5.81 3.91 40.37
C ASP F 204 -6.30 4.62 39.10
N ARG F 205 -5.78 4.16 37.97
CA ARG F 205 -6.12 4.63 36.64
C ARG F 205 -6.51 3.43 35.78
N ARG F 206 -7.47 2.66 36.29
CA ARG F 206 -7.97 1.48 35.60
C ARG F 206 -6.90 0.41 35.37
N ASN F 207 -6.06 0.16 36.36
CA ASN F 207 -5.02 -0.86 36.25
C ASN F 207 -4.09 -0.57 35.05
N HIS F 208 -3.66 0.69 34.95
CA HIS F 208 -2.77 1.13 33.88
C HIS F 208 -1.61 0.15 33.65
N CYS F 209 -1.45 -0.24 32.39
CA CYS F 209 -0.40 -1.16 31.97
C CYS F 209 -0.47 -2.51 32.69
N GLY F 210 -1.64 -2.84 33.22
CA GLY F 210 -1.85 -4.10 33.92
C GLY F 210 -1.05 -4.40 35.18
N ILE F 211 -0.51 -3.37 35.83
CA ILE F 211 0.31 -3.55 37.04
C ILE F 211 -0.28 -4.48 38.12
N ALA F 212 -1.60 -4.60 38.21
CA ALA F 212 -2.21 -5.46 39.23
C ALA F 212 -2.66 -6.86 38.73
N SER F 213 -2.54 -7.11 37.43
CA SER F 213 -2.96 -8.37 36.84
C SER F 213 -2.04 -9.61 37.08
N ALA F 214 -0.76 -9.40 37.38
CA ALA F 214 0.15 -10.51 37.62
C ALA F 214 1.05 -10.28 38.82
N ALA F 215 0.43 -10.04 39.98
CA ALA F 215 1.15 -9.75 41.22
C ALA F 215 1.32 -10.96 42.15
N SER F 216 2.51 -11.12 42.71
CA SER F 216 2.78 -12.22 43.62
C SER F 216 3.99 -11.96 44.51
N TYR F 217 4.22 -12.86 45.47
CA TYR F 217 5.36 -12.80 46.39
C TYR F 217 5.70 -14.20 46.97
N PRO F 218 6.93 -14.39 47.45
CA PRO F 218 7.31 -15.71 48.01
C PRO F 218 7.07 -15.86 49.51
N THR F 219 6.61 -17.05 49.91
CA THR F 219 6.37 -17.34 51.32
C THR F 219 7.66 -17.86 51.94
N VAL F 220 8.13 -17.20 53.00
CA VAL F 220 9.36 -17.63 53.63
C VAL F 220 9.17 -17.99 55.11
#